data_7U6U
#
_entry.id   7U6U
#
_cell.length_a   74.147
_cell.length_b   86.098
_cell.length_c   153.277
_cell.angle_alpha   90.000
_cell.angle_beta   90.000
_cell.angle_gamma   90.000
#
_symmetry.space_group_name_H-M   'P 21 21 21'
#
loop_
_entity.id
_entity.type
_entity.pdbx_description
1 polymer 'Ornithine decarboxylase'
2 non-polymer "PYRIDOXAL-5'-PHOSPHATE"
3 water water
#
_entity_poly.entity_id   1
_entity_poly.type   'polypeptide(L)'
_entity_poly.pdbx_seq_one_letter_code
;MNNFGNEEFDCHFLDEGFTAKDILDQKINEVSSSDDKDAFYVADLGDILKKHLRWLKALPRVTPFYAVKCNDSKAIVKTL
AATRTGFDCASKTEIQLVQSLGVPPERIIYANPCKQVSQIKYAANNGVQMMTFDSEVELMKVARAHPKAKLVLRIATDDS
KAVCRLSVKFGATLRTSRLLLERAKELNIDVVGVSFHVGSGCTDPETFVQAISDARCVFDMGAEVGFSMYLLDIGGGFPG
SEDVKLKFEEITGVINPALDKYFPSDSGVRIIAEPGRYYVASAFTLAVNIIAKKIVLKEQTGSDDEDESSEQTFMYYVND
GVYGSFNCILYDHAHVKPLLQKRPKPDEKYYSSSIWGPTCDGLDRIVERCDLPEMHVGDWMLFENMGAYTVAAASTFNGF
QRPTIYYVMSGPAWQLMQQFQNPD
;
_entity_poly.pdbx_strand_id   A,B
#
# COMPACT_ATOMS: atom_id res chain seq x y z
N GLU A 7 22.17 3.99 3.63
CA GLU A 7 22.14 3.88 2.17
C GLU A 7 21.37 5.03 1.52
N GLU A 8 20.52 5.73 2.28
CA GLU A 8 19.75 6.83 1.69
C GLU A 8 20.66 7.93 1.15
N PHE A 9 21.74 8.26 1.87
CA PHE A 9 22.66 9.29 1.44
C PHE A 9 23.94 8.72 0.84
N ASP A 10 24.00 7.41 0.66
CA ASP A 10 25.16 6.76 0.07
C ASP A 10 25.00 6.73 -1.44
N CYS A 11 25.96 7.29 -2.17
CA CYS A 11 25.98 7.25 -3.62
C CYS A 11 27.27 6.61 -4.09
N HIS A 12 27.16 5.74 -5.07
CA HIS A 12 28.29 5.00 -5.62
C HIS A 12 28.72 5.61 -6.95
N PHE A 13 30.00 5.46 -7.27
CA PHE A 13 30.51 5.96 -8.54
C PHE A 13 30.12 5.03 -9.68
N LEU A 14 29.87 5.63 -10.83
CA LEU A 14 29.61 4.93 -12.08
C LEU A 14 30.79 5.22 -12.99
N ASP A 15 31.62 4.21 -13.25
CA ASP A 15 32.85 4.38 -14.01
C ASP A 15 32.54 4.71 -15.48
N GLU A 16 33.54 5.32 -16.12
CA GLU A 16 33.43 5.63 -17.54
C GLU A 16 33.23 4.35 -18.35
N GLY A 17 32.32 4.41 -19.32
CA GLY A 17 32.04 3.23 -20.12
C GLY A 17 31.13 2.23 -19.47
N PHE A 18 30.52 2.57 -18.34
CA PHE A 18 29.55 1.73 -17.69
C PHE A 18 28.19 2.40 -17.67
N THR A 19 27.17 1.57 -17.59
CA THR A 19 25.78 2.02 -17.51
C THR A 19 25.15 1.31 -16.32
N ALA A 20 24.05 1.87 -15.84
CA ALA A 20 23.31 1.28 -14.72
C ALA A 20 23.12 -0.23 -14.92
N LYS A 21 22.87 -0.67 -16.15
CA LYS A 21 22.70 -2.10 -16.43
C LYS A 21 23.95 -2.88 -16.07
N ASP A 22 25.13 -2.37 -16.45
CA ASP A 22 26.37 -3.08 -16.19
C ASP A 22 26.61 -3.23 -14.69
N ILE A 23 26.36 -2.17 -13.93
CA ILE A 23 26.47 -2.21 -12.49
C ILE A 23 25.51 -3.25 -11.91
N LEU A 24 24.30 -3.31 -12.44
CA LEU A 24 23.34 -4.30 -11.97
C LEU A 24 23.87 -5.71 -12.22
N ASP A 25 24.37 -5.96 -13.43
CA ASP A 25 24.94 -7.28 -13.74
C ASP A 25 26.10 -7.63 -12.81
N GLN A 26 26.96 -6.65 -12.52
CA GLN A 26 28.08 -6.91 -11.62
C GLN A 26 27.58 -7.31 -10.24
N LYS A 27 26.63 -6.55 -9.69
CA LYS A 27 26.11 -6.88 -8.37
C LYS A 27 25.52 -8.29 -8.36
N ILE A 28 24.77 -8.63 -9.41
CA ILE A 28 24.18 -9.96 -9.49
C ILE A 28 25.25 -11.04 -9.49
N ASN A 29 26.31 -10.86 -10.29
CA ASN A 29 27.38 -11.85 -10.33
C ASN A 29 28.03 -12.00 -8.96
N GLU A 30 28.23 -10.89 -8.24
CA GLU A 30 28.93 -10.92 -6.97
C GLU A 30 28.18 -11.72 -5.90
N VAL A 31 26.85 -11.72 -5.90
CA VAL A 31 26.07 -12.46 -4.91
C VAL A 31 25.66 -13.84 -5.43
N SER A 32 26.28 -14.31 -6.52
CA SER A 32 25.82 -15.53 -7.18
C SER A 32 26.07 -16.81 -6.35
N SER A 33 27.11 -16.83 -5.52
CA SER A 33 27.49 -18.04 -4.79
C SER A 33 27.00 -18.01 -3.35
N SER A 34 26.06 -17.14 -3.04
CA SER A 34 25.51 -16.99 -1.70
C SER A 34 23.99 -16.97 -1.79
N ASP A 35 23.35 -16.89 -0.63
CA ASP A 35 21.90 -16.79 -0.56
C ASP A 35 21.44 -15.38 -0.20
N ASP A 36 22.34 -14.39 -0.28
CA ASP A 36 21.97 -12.98 -0.09
C ASP A 36 21.40 -12.51 -1.42
N LYS A 37 20.14 -12.85 -1.66
CA LYS A 37 19.55 -12.49 -2.95
C LYS A 37 18.25 -11.74 -2.74
N ASP A 38 18.28 -10.73 -1.87
CA ASP A 38 17.15 -9.83 -1.73
C ASP A 38 16.98 -8.97 -2.97
N ALA A 39 15.74 -8.60 -3.26
CA ALA A 39 15.47 -7.67 -4.34
C ALA A 39 16.18 -6.35 -4.08
N PHE A 40 16.61 -5.69 -5.15
CA PHE A 40 17.27 -4.41 -4.98
C PHE A 40 17.03 -3.54 -6.21
N TYR A 41 17.12 -2.23 -6.01
CA TYR A 41 17.07 -1.26 -7.10
C TYR A 41 18.47 -0.74 -7.41
N VAL A 42 18.70 -0.43 -8.67
CA VAL A 42 19.79 0.46 -9.07
C VAL A 42 19.15 1.75 -9.57
N ALA A 43 19.50 2.86 -8.94
CA ALA A 43 18.93 4.16 -9.28
C ALA A 43 20.05 5.06 -9.79
N ASP A 44 19.98 5.46 -11.06
CA ASP A 44 20.99 6.28 -11.70
C ASP A 44 20.59 7.75 -11.56
N LEU A 45 21.22 8.46 -10.62
CA LEU A 45 20.91 9.88 -10.47
C LEU A 45 21.31 10.68 -11.70
N GLY A 46 22.29 10.19 -12.45
CA GLY A 46 22.63 10.81 -13.72
C GLY A 46 21.49 10.80 -14.71
N ASP A 47 20.66 9.77 -14.68
CA ASP A 47 19.48 9.75 -15.56
C ASP A 47 18.53 10.89 -15.21
N ILE A 48 18.41 11.20 -13.91
CA ILE A 48 17.57 12.31 -13.49
C ILE A 48 18.15 13.63 -14.01
N LEU A 49 19.47 13.77 -13.94
CA LEU A 49 20.09 14.96 -14.54
C LEU A 49 19.85 15.04 -16.05
N LYS A 50 19.97 13.91 -16.74
CA LYS A 50 19.70 13.85 -18.17
C LYS A 50 18.29 14.34 -18.47
N LYS A 51 17.31 13.84 -17.69
CA LYS A 51 15.93 14.26 -17.83
C LYS A 51 15.79 15.76 -17.64
N HIS A 52 16.55 16.31 -16.68
CA HIS A 52 16.44 17.76 -16.48
C HIS A 52 16.95 18.54 -17.68
N LEU A 53 18.11 18.14 -18.22
CA LEU A 53 18.60 18.81 -19.43
C LEU A 53 17.57 18.72 -20.56
N ARG A 54 16.99 17.54 -20.72
CA ARG A 54 15.99 17.34 -21.76
C ARG A 54 14.78 18.23 -21.54
N TRP A 55 14.37 18.42 -20.29
CA TRP A 55 13.25 19.30 -19.99
C TRP A 55 13.58 20.74 -20.35
N LEU A 56 14.75 21.21 -19.91
CA LEU A 56 15.16 22.57 -20.21
C LEU A 56 15.17 22.82 -21.72
N LYS A 57 15.57 21.81 -22.49
CA LYS A 57 15.61 21.97 -23.93
C LYS A 57 14.22 21.93 -24.55
N ALA A 58 13.35 21.05 -24.07
CA ALA A 58 12.05 20.83 -24.70
C ALA A 58 11.01 21.87 -24.26
N LEU A 59 11.11 22.36 -23.03
CA LEU A 59 10.14 23.30 -22.46
C LEU A 59 10.89 24.47 -21.83
N PRO A 60 11.56 25.29 -22.64
CA PRO A 60 12.41 26.34 -22.07
C PRO A 60 11.66 27.40 -21.27
N ARG A 61 10.37 27.58 -21.51
CA ARG A 61 9.58 28.59 -20.81
C ARG A 61 8.94 28.06 -19.53
N VAL A 62 9.09 26.78 -19.22
CA VAL A 62 8.34 26.13 -18.15
C VAL A 62 9.31 25.68 -17.06
N THR A 63 9.16 26.24 -15.87
CA THR A 63 9.98 25.84 -14.73
C THR A 63 9.42 24.56 -14.12
N PRO A 64 10.20 23.48 -14.01
CA PRO A 64 9.68 22.23 -13.45
C PRO A 64 9.65 22.25 -11.92
N PHE A 65 8.52 21.85 -11.35
CA PHE A 65 8.37 21.63 -9.92
C PHE A 65 8.14 20.13 -9.70
N TYR A 66 9.17 19.42 -9.23
CA TYR A 66 9.08 17.97 -9.13
C TYR A 66 7.99 17.54 -8.16
N ALA A 67 7.12 16.63 -8.61
CA ALA A 67 6.04 16.11 -7.77
C ALA A 67 6.62 15.06 -6.83
N VAL A 68 6.91 15.49 -5.60
CA VAL A 68 7.61 14.68 -4.61
C VAL A 68 6.91 13.33 -4.38
N LYS A 69 5.57 13.31 -4.44
CA LYS A 69 4.83 12.09 -4.12
C LYS A 69 5.23 10.92 -5.02
N CYS A 70 5.71 11.22 -6.24
CA CYS A 70 6.03 10.16 -7.18
C CYS A 70 7.16 9.28 -6.66
N ASN A 71 8.16 9.90 -6.03
CA ASN A 71 9.26 9.17 -5.41
C ASN A 71 9.94 10.15 -4.46
N ASP A 72 9.80 9.95 -3.15
CA ASP A 72 10.28 10.91 -2.17
C ASP A 72 11.71 10.63 -1.71
N SER A 73 12.48 9.89 -2.49
CA SER A 73 13.86 9.59 -2.13
C SER A 73 14.64 10.84 -1.83
N LYS A 74 15.30 10.87 -0.67
CA LYS A 74 16.12 12.02 -0.30
C LYS A 74 17.20 12.27 -1.34
N ALA A 75 17.77 11.21 -1.92
CA ALA A 75 18.78 11.36 -2.96
C ALA A 75 18.20 12.05 -4.19
N ILE A 76 17.00 11.65 -4.60
CA ILE A 76 16.34 12.29 -5.74
C ILE A 76 16.11 13.77 -5.47
N VAL A 77 15.54 14.07 -4.31
CA VAL A 77 15.19 15.45 -3.99
C VAL A 77 16.45 16.30 -3.88
N LYS A 78 17.51 15.75 -3.29
CA LYS A 78 18.77 16.50 -3.19
C LYS A 78 19.34 16.80 -4.56
N THR A 79 19.34 15.81 -5.46
CA THR A 79 19.86 16.02 -6.81
C THR A 79 19.05 17.10 -7.54
N LEU A 80 17.73 17.01 -7.47
CA LEU A 80 16.89 17.98 -8.15
C LEU A 80 17.01 19.37 -7.51
N ALA A 81 17.16 19.43 -6.19
CA ALA A 81 17.33 20.71 -5.52
C ALA A 81 18.63 21.36 -5.97
N ALA A 82 19.69 20.56 -6.14
CA ALA A 82 20.95 21.09 -6.67
C ALA A 82 20.72 21.64 -8.06
N THR A 83 19.83 21.01 -8.81
CA THR A 83 19.48 21.48 -10.14
C THR A 83 18.68 22.79 -10.14
N ARG A 84 18.15 23.21 -8.98
CA ARG A 84 17.37 24.43 -8.78
C ARG A 84 15.94 24.32 -9.27
N THR A 85 15.45 23.11 -9.49
CA THR A 85 14.03 22.94 -9.82
C THR A 85 13.18 23.23 -8.58
N GLY A 86 11.91 23.51 -8.82
CA GLY A 86 10.96 23.66 -7.75
C GLY A 86 10.46 22.30 -7.28
N PHE A 87 9.65 22.32 -6.22
CA PHE A 87 9.03 21.10 -5.69
C PHE A 87 7.55 21.30 -5.47
N ASP A 88 6.75 20.33 -5.91
CA ASP A 88 5.32 20.28 -5.64
C ASP A 88 5.10 19.34 -4.46
N CYS A 89 4.60 19.89 -3.36
CA CYS A 89 4.43 19.14 -2.12
C CYS A 89 2.95 19.10 -1.78
N ALA A 90 2.48 17.95 -1.33
CA ALA A 90 1.08 17.77 -0.99
C ALA A 90 0.80 17.69 0.50
N SER A 91 1.84 17.65 1.33
CA SER A 91 1.62 17.40 2.75
C SER A 91 2.75 17.99 3.57
N LYS A 92 2.53 17.99 4.89
CA LYS A 92 3.53 18.53 5.80
C LYS A 92 4.85 17.75 5.70
N THR A 93 4.75 16.42 5.59
CA THR A 93 5.96 15.60 5.53
C THR A 93 6.79 15.90 4.28
N GLU A 94 6.12 16.11 3.14
CA GLU A 94 6.84 16.45 1.93
C GLU A 94 7.51 17.82 2.03
N ILE A 95 6.80 18.80 2.60
CA ILE A 95 7.40 20.11 2.80
C ILE A 95 8.60 20.01 3.73
N GLN A 96 8.49 19.23 4.81
CA GLN A 96 9.60 19.03 5.72
C GLN A 96 10.80 18.43 5.01
N LEU A 97 10.55 17.43 4.17
CA LEU A 97 11.64 16.78 3.44
C LEU A 97 12.36 17.78 2.56
N VAL A 98 11.59 18.54 1.78
CA VAL A 98 12.18 19.48 0.84
C VAL A 98 12.94 20.59 1.56
N GLN A 99 12.36 21.15 2.63
CA GLN A 99 13.03 22.22 3.37
C GLN A 99 14.25 21.71 4.12
N SER A 100 14.21 20.47 4.62
CA SER A 100 15.36 19.88 5.31
C SER A 100 16.58 19.82 4.41
N LEU A 101 16.38 19.60 3.11
CA LEU A 101 17.48 19.61 2.14
C LEU A 101 17.93 21.02 1.77
N GLY A 102 17.26 22.05 2.27
CA GLY A 102 17.72 23.41 2.07
C GLY A 102 16.97 24.20 1.03
N VAL A 103 15.82 23.73 0.58
CA VAL A 103 15.07 24.41 -0.47
C VAL A 103 14.24 25.54 0.17
N PRO A 104 14.38 26.77 -0.31
CA PRO A 104 13.61 27.89 0.26
C PRO A 104 12.13 27.77 -0.08
N PRO A 105 11.27 28.45 0.67
CA PRO A 105 9.81 28.28 0.47
C PRO A 105 9.32 28.76 -0.88
N GLU A 106 9.99 29.73 -1.51
CA GLU A 106 9.51 30.23 -2.79
C GLU A 106 9.74 29.23 -3.93
N ARG A 107 10.44 28.14 -3.68
CA ARG A 107 10.58 27.06 -4.65
C ARG A 107 9.66 25.89 -4.35
N ILE A 108 8.63 26.12 -3.54
CA ILE A 108 7.69 25.09 -3.15
C ILE A 108 6.29 25.55 -3.53
N ILE A 109 5.55 24.70 -4.22
CA ILE A 109 4.11 24.91 -4.39
C ILE A 109 3.38 23.78 -3.68
N TYR A 110 2.41 24.16 -2.86
CA TYR A 110 1.58 23.24 -2.10
C TYR A 110 0.36 22.93 -2.97
N ALA A 111 0.56 22.02 -3.92
CA ALA A 111 -0.44 21.78 -4.97
C ALA A 111 -1.37 20.62 -4.61
N ASN A 112 -1.97 20.73 -3.43
CA ASN A 112 -3.03 19.85 -3.00
C ASN A 112 -4.30 20.69 -2.85
N PRO A 113 -5.35 20.46 -3.63
CA PRO A 113 -6.53 21.34 -3.56
C PRO A 113 -7.36 21.18 -2.30
N CYS A 114 -7.20 20.08 -1.55
CA CYS A 114 -8.09 19.75 -0.43
C CYS A 114 -7.22 19.43 0.78
N LYS A 115 -6.85 20.45 1.53
CA LYS A 115 -5.84 20.35 2.57
C LYS A 115 -6.46 20.42 3.95
N GLN A 116 -6.00 19.55 4.86
CA GLN A 116 -6.42 19.65 6.25
C GLN A 116 -5.94 20.97 6.84
N VAL A 117 -6.77 21.56 7.72
CA VAL A 117 -6.46 22.88 8.26
C VAL A 117 -5.08 22.90 8.90
N SER A 118 -4.76 21.90 9.71
CA SER A 118 -3.46 21.89 10.38
C SER A 118 -2.31 21.85 9.39
N GLN A 119 -2.49 21.21 8.25
CA GLN A 119 -1.42 21.21 7.26
C GLN A 119 -1.31 22.55 6.52
N ILE A 120 -2.42 23.24 6.29
CA ILE A 120 -2.35 24.60 5.77
C ILE A 120 -1.60 25.49 6.76
N LYS A 121 -1.89 25.31 8.05
CA LYS A 121 -1.21 26.07 9.09
C LYS A 121 0.28 25.78 9.07
N TYR A 122 0.66 24.50 8.90
CA TYR A 122 2.08 24.17 8.82
C TYR A 122 2.73 24.88 7.64
N ALA A 123 2.04 24.91 6.49
CA ALA A 123 2.60 25.60 5.33
C ALA A 123 2.79 27.09 5.63
N ALA A 124 1.79 27.71 6.25
CA ALA A 124 1.91 29.13 6.58
C ALA A 124 3.04 29.38 7.57
N ASN A 125 3.18 28.52 8.58
CA ASN A 125 4.24 28.68 9.56
C ASN A 125 5.61 28.57 8.92
N ASN A 126 5.74 27.79 7.86
CA ASN A 126 7.02 27.57 7.22
C ASN A 126 7.21 28.38 5.95
N GLY A 127 6.35 29.37 5.71
CA GLY A 127 6.59 30.33 4.65
C GLY A 127 6.20 29.87 3.26
N VAL A 128 5.51 28.74 3.13
CA VAL A 128 5.04 28.28 1.84
C VAL A 128 3.75 29.04 1.52
N GLN A 129 3.82 29.98 0.60
CA GLN A 129 2.71 30.88 0.33
C GLN A 129 1.77 30.38 -0.75
N MET A 130 2.28 29.66 -1.73
CA MET A 130 1.49 29.32 -2.91
C MET A 130 0.80 27.98 -2.73
N MET A 131 -0.52 27.97 -2.86
CA MET A 131 -1.29 26.74 -2.72
C MET A 131 -2.38 26.68 -3.80
N THR A 132 -2.78 25.47 -4.16
CA THR A 132 -3.90 25.31 -5.07
C THR A 132 -5.21 25.14 -4.32
N PHE A 133 -6.31 25.34 -5.05
CA PHE A 133 -7.65 25.17 -4.49
C PHE A 133 -8.65 24.98 -5.63
N ASP A 134 -9.79 24.33 -5.31
CA ASP A 134 -10.85 24.22 -6.31
C ASP A 134 -12.25 24.27 -5.70
N SER A 135 -12.42 24.81 -4.49
CA SER A 135 -13.72 24.79 -3.84
C SER A 135 -13.87 26.00 -2.93
N GLU A 136 -15.13 26.33 -2.62
CA GLU A 136 -15.40 27.46 -1.73
C GLU A 136 -14.97 27.16 -0.29
N VAL A 137 -15.20 25.93 0.16
CA VAL A 137 -14.80 25.54 1.51
C VAL A 137 -13.30 25.67 1.68
N GLU A 138 -12.53 25.38 0.63
CA GLU A 138 -11.09 25.59 0.72
C GLU A 138 -10.77 27.07 0.91
N LEU A 139 -11.52 27.95 0.25
CA LEU A 139 -11.32 29.38 0.43
C LEU A 139 -11.62 29.79 1.87
N MET A 140 -12.68 29.23 2.47
CA MET A 140 -12.98 29.51 3.88
C MET A 140 -11.82 29.09 4.76
N LYS A 141 -11.29 27.89 4.52
CA LYS A 141 -10.18 27.39 5.32
C LYS A 141 -8.94 28.27 5.17
N VAL A 142 -8.67 28.72 3.95
CA VAL A 142 -7.51 29.58 3.71
C VAL A 142 -7.70 30.93 4.38
N ALA A 143 -8.89 31.50 4.28
CA ALA A 143 -9.16 32.78 4.93
C ALA A 143 -8.92 32.68 6.43
N ARG A 144 -9.22 31.52 7.01
CA ARG A 144 -9.02 31.37 8.45
C ARG A 144 -7.58 31.03 8.82
N ALA A 145 -6.89 30.19 8.04
CA ALA A 145 -5.63 29.61 8.45
C ALA A 145 -4.41 30.13 7.69
N HIS A 146 -4.58 30.72 6.52
CA HIS A 146 -3.42 31.20 5.79
C HIS A 146 -3.87 32.39 4.95
N PRO A 147 -4.39 33.46 5.59
CA PRO A 147 -5.07 34.52 4.81
C PRO A 147 -4.19 35.22 3.78
N LYS A 148 -2.87 35.17 3.93
CA LYS A 148 -1.97 35.85 3.00
C LYS A 148 -1.46 34.91 1.91
N ALA A 149 -2.09 33.76 1.75
CA ALA A 149 -1.62 32.80 0.76
C ALA A 149 -1.87 33.30 -0.64
N LYS A 150 -1.03 32.84 -1.58
CA LYS A 150 -1.23 33.09 -3.00
C LYS A 150 -1.86 31.83 -3.59
N LEU A 151 -3.10 31.94 -4.05
CA LEU A 151 -3.87 30.78 -4.47
C LEU A 151 -3.83 30.59 -5.97
N VAL A 152 -3.77 29.32 -6.37
CA VAL A 152 -3.80 28.88 -7.75
C VAL A 152 -5.06 28.03 -7.93
N LEU A 153 -5.93 28.45 -8.83
CA LEU A 153 -7.20 27.78 -9.06
C LEU A 153 -6.98 26.56 -9.94
N ARG A 154 -7.29 25.37 -9.44
CA ARG A 154 -7.14 24.17 -10.24
C ARG A 154 -8.42 23.89 -11.01
N ILE A 155 -8.31 23.79 -12.34
CA ILE A 155 -9.46 23.61 -13.20
C ILE A 155 -9.52 22.16 -13.63
N ALA A 156 -10.74 21.71 -13.94
CA ALA A 156 -10.93 20.32 -14.36
C ALA A 156 -10.37 20.11 -15.75
N THR A 157 -9.81 18.91 -15.97
CA THR A 157 -9.36 18.48 -17.29
C THR A 157 -10.02 17.14 -17.55
N ASP A 158 -10.60 16.99 -18.72
CA ASP A 158 -11.30 15.76 -19.07
C ASP A 158 -10.28 14.68 -19.43
N ASP A 159 -10.45 13.49 -18.88
CA ASP A 159 -9.69 12.30 -19.27
C ASP A 159 -10.71 11.28 -19.75
N SER A 160 -10.82 11.12 -21.07
CA SER A 160 -11.85 10.26 -21.63
C SER A 160 -11.59 8.79 -21.38
N LYS A 161 -10.41 8.43 -20.87
CA LYS A 161 -10.08 7.04 -20.58
C LYS A 161 -10.04 6.71 -19.10
N ALA A 162 -10.40 7.66 -18.23
CA ALA A 162 -10.48 7.36 -16.80
C ALA A 162 -11.52 6.27 -16.53
N VAL A 163 -11.26 5.49 -15.48
CA VAL A 163 -12.19 4.42 -15.11
C VAL A 163 -13.46 4.98 -14.46
N CYS A 164 -13.36 6.13 -13.79
CA CYS A 164 -14.51 6.74 -13.13
C CYS A 164 -14.63 8.18 -13.64
N ARG A 165 -15.34 8.34 -14.76
CA ARG A 165 -15.43 9.65 -15.41
C ARG A 165 -16.53 10.53 -14.85
N LEU A 166 -17.46 9.98 -14.06
CA LEU A 166 -18.48 10.83 -13.47
C LEU A 166 -18.00 11.50 -12.19
N SER A 167 -17.26 10.76 -11.35
CA SER A 167 -16.76 11.30 -10.09
C SER A 167 -15.30 11.69 -10.25
N VAL A 168 -15.06 12.99 -10.40
CA VAL A 168 -13.72 13.54 -10.62
C VAL A 168 -13.27 14.18 -9.31
N LYS A 169 -12.09 13.77 -8.83
CA LYS A 169 -11.67 14.18 -7.49
C LYS A 169 -11.34 15.67 -7.42
N PHE A 170 -10.66 16.20 -8.43
CA PHE A 170 -10.15 17.57 -8.38
C PHE A 170 -10.49 18.33 -9.65
N GLY A 171 -10.52 19.64 -9.52
CA GLY A 171 -10.66 20.51 -10.67
C GLY A 171 -12.03 21.13 -10.77
N ALA A 172 -12.06 22.46 -10.82
CA ALA A 172 -13.30 23.20 -11.00
C ALA A 172 -13.63 23.35 -12.47
N THR A 173 -14.92 23.30 -12.80
CA THR A 173 -15.36 23.67 -14.14
C THR A 173 -15.18 25.17 -14.34
N LEU A 174 -15.30 25.61 -15.60
CA LEU A 174 -15.19 27.04 -15.89
C LEU A 174 -16.27 27.84 -15.16
N ARG A 175 -17.51 27.35 -15.19
CA ARG A 175 -18.61 28.03 -14.51
C ARG A 175 -18.33 28.15 -13.02
N THR A 176 -17.90 27.05 -12.40
CA THR A 176 -17.55 27.09 -10.99
C THR A 176 -16.33 27.99 -10.77
N SER A 177 -15.40 28.01 -11.73
CA SER A 177 -14.21 28.84 -11.58
C SER A 177 -14.57 30.31 -11.43
N ARG A 178 -15.57 30.76 -12.20
CA ARG A 178 -16.00 32.16 -12.08
C ARG A 178 -16.51 32.47 -10.67
N LEU A 179 -17.36 31.60 -10.13
CA LEU A 179 -17.90 31.83 -8.80
C LEU A 179 -16.80 31.78 -7.75
N LEU A 180 -15.84 30.87 -7.92
CA LEU A 180 -14.72 30.78 -6.99
C LEU A 180 -13.88 32.05 -7.00
N LEU A 181 -13.63 32.61 -8.18
CA LEU A 181 -12.85 33.84 -8.25
C LEU A 181 -13.58 34.97 -7.56
N GLU A 182 -14.89 35.07 -7.79
CA GLU A 182 -15.67 36.12 -7.13
C GLU A 182 -15.67 35.93 -5.62
N ARG A 183 -15.82 34.70 -5.15
CA ARG A 183 -15.82 34.42 -3.72
C ARG A 183 -14.46 34.76 -3.10
N ALA A 184 -13.36 34.42 -3.80
CA ALA A 184 -12.05 34.79 -3.30
C ALA A 184 -11.90 36.30 -3.21
N LYS A 185 -12.45 37.02 -4.18
CA LYS A 185 -12.42 38.48 -4.11
C LYS A 185 -13.18 38.98 -2.89
N GLU A 186 -14.34 38.38 -2.61
CA GLU A 186 -15.11 38.77 -1.43
C GLU A 186 -14.32 38.58 -0.15
N LEU A 187 -13.54 37.51 -0.06
CA LEU A 187 -12.82 37.17 1.15
C LEU A 187 -11.45 37.83 1.23
N ASN A 188 -11.10 38.69 0.28
CA ASN A 188 -9.80 39.37 0.25
C ASN A 188 -8.65 38.35 0.18
N ILE A 189 -8.86 37.30 -0.61
CA ILE A 189 -7.85 36.26 -0.83
C ILE A 189 -7.29 36.45 -2.23
N ASP A 190 -5.96 36.42 -2.33
CA ASP A 190 -5.28 36.68 -3.59
C ASP A 190 -5.19 35.41 -4.42
N VAL A 191 -5.75 35.47 -5.64
CA VAL A 191 -5.65 34.38 -6.61
C VAL A 191 -4.68 34.86 -7.68
N VAL A 192 -3.59 34.11 -7.87
CA VAL A 192 -2.50 34.54 -8.74
C VAL A 192 -2.37 33.71 -10.01
N GLY A 193 -3.12 32.64 -10.15
CA GLY A 193 -2.96 31.83 -11.35
C GLY A 193 -3.93 30.66 -11.39
N VAL A 194 -3.63 29.78 -12.35
CA VAL A 194 -4.48 28.66 -12.71
C VAL A 194 -3.59 27.45 -12.88
N SER A 195 -4.06 26.29 -12.43
CA SER A 195 -3.36 25.03 -12.65
C SER A 195 -4.31 24.01 -13.25
N PHE A 196 -3.73 23.03 -13.94
CA PHE A 196 -4.49 21.92 -14.48
C PHE A 196 -3.58 20.71 -14.50
N HIS A 197 -4.17 19.52 -14.56
CA HIS A 197 -3.40 18.28 -14.63
C HIS A 197 -4.03 17.35 -15.65
N VAL A 198 -3.33 17.14 -16.77
CA VAL A 198 -3.84 16.25 -17.80
C VAL A 198 -3.70 14.79 -17.37
N GLY A 199 -2.59 14.44 -16.73
CA GLY A 199 -2.44 13.07 -16.26
C GLY A 199 -1.65 12.20 -17.23
N SER A 200 -1.16 11.08 -16.70
CA SER A 200 -0.34 10.15 -17.47
C SER A 200 -1.12 9.42 -18.56
N GLY A 201 -2.41 9.20 -18.37
CA GLY A 201 -3.19 8.47 -19.37
C GLY A 201 -3.60 9.25 -20.61
N CYS A 202 -2.67 10.00 -21.19
CA CYS A 202 -2.96 10.99 -22.22
C CYS A 202 -2.60 10.43 -23.59
N THR A 203 -3.62 10.08 -24.37
CA THR A 203 -3.40 9.55 -25.72
C THR A 203 -3.13 10.65 -26.75
N ASP A 204 -3.80 11.80 -26.62
CA ASP A 204 -3.70 12.86 -27.62
C ASP A 204 -3.08 14.13 -27.00
N PRO A 205 -2.01 14.66 -27.58
CA PRO A 205 -1.43 15.91 -27.04
C PRO A 205 -2.35 17.11 -27.15
N GLU A 206 -3.30 17.10 -28.08
CA GLU A 206 -4.25 18.21 -28.19
C GLU A 206 -4.96 18.47 -26.87
N THR A 207 -5.07 17.45 -26.00
CA THR A 207 -5.70 17.65 -24.70
C THR A 207 -5.00 18.78 -23.94
N PHE A 208 -3.67 18.83 -24.01
CA PHE A 208 -2.94 19.93 -23.38
C PHE A 208 -3.36 21.27 -23.97
N VAL A 209 -3.53 21.33 -25.29
CA VAL A 209 -3.96 22.58 -25.91
C VAL A 209 -5.29 23.00 -25.31
N GLN A 210 -6.23 22.05 -25.20
CA GLN A 210 -7.53 22.40 -24.66
C GLN A 210 -7.37 22.95 -23.24
N ALA A 211 -6.54 22.29 -22.43
CA ALA A 211 -6.36 22.75 -21.07
C ALA A 211 -5.77 24.15 -21.06
N ILE A 212 -4.78 24.39 -21.93
CA ILE A 212 -4.17 25.71 -21.95
C ILE A 212 -5.22 26.74 -22.35
N SER A 213 -6.06 26.39 -23.32
CA SER A 213 -7.11 27.31 -23.73
C SER A 213 -8.04 27.59 -22.55
N ASP A 214 -8.44 26.54 -21.84
CA ASP A 214 -9.33 26.74 -20.70
C ASP A 214 -8.66 27.60 -19.65
N ALA A 215 -7.35 27.37 -19.42
CA ALA A 215 -6.64 28.16 -18.44
C ALA A 215 -6.67 29.63 -18.82
N ARG A 216 -6.47 29.92 -20.12
CA ARG A 216 -6.52 31.30 -20.56
C ARG A 216 -7.87 31.91 -20.23
N CYS A 217 -8.94 31.15 -20.44
CA CYS A 217 -10.27 31.63 -20.12
C CYS A 217 -10.35 32.02 -18.66
N VAL A 218 -9.82 31.16 -17.78
CA VAL A 218 -9.91 31.48 -16.35
C VAL A 218 -9.04 32.70 -16.04
N PHE A 219 -7.91 32.83 -16.72
CA PHE A 219 -7.09 34.04 -16.56
C PHE A 219 -7.93 35.26 -16.88
N ASP A 220 -8.65 35.22 -18.01
CA ASP A 220 -9.49 36.35 -18.37
C ASP A 220 -10.51 36.62 -17.29
N MET A 221 -11.11 35.54 -16.73
CA MET A 221 -12.06 35.71 -15.66
C MET A 221 -11.42 36.43 -14.48
N GLY A 222 -10.18 36.05 -14.15
CA GLY A 222 -9.51 36.70 -13.05
C GLY A 222 -9.33 38.18 -13.31
N ALA A 223 -8.95 38.53 -14.56
CA ALA A 223 -8.80 39.93 -14.90
C ALA A 223 -10.11 40.68 -14.72
N GLU A 224 -11.22 40.03 -15.06
CA GLU A 224 -12.53 40.66 -14.91
C GLU A 224 -12.82 40.95 -13.45
N VAL A 225 -12.40 40.07 -12.55
CA VAL A 225 -12.71 40.23 -11.13
C VAL A 225 -11.70 41.11 -10.43
N GLY A 226 -10.65 41.54 -11.13
CA GLY A 226 -9.65 42.44 -10.56
C GLY A 226 -8.38 41.78 -10.08
N PHE A 227 -8.23 40.47 -10.26
CA PHE A 227 -7.01 39.78 -9.85
C PHE A 227 -5.87 40.06 -10.83
N SER A 228 -4.65 40.01 -10.30
CA SER A 228 -3.44 40.10 -11.13
C SER A 228 -2.91 38.68 -11.27
N MET A 229 -3.31 38.00 -12.34
CA MET A 229 -2.93 36.61 -12.52
C MET A 229 -1.68 36.53 -13.39
N TYR A 230 -0.67 35.82 -12.89
CA TYR A 230 0.57 35.61 -13.61
C TYR A 230 1.02 34.15 -13.68
N LEU A 231 0.46 33.26 -12.87
CA LEU A 231 0.98 31.91 -12.70
C LEU A 231 0.18 30.89 -13.47
N LEU A 232 0.81 30.23 -14.44
CA LEU A 232 0.19 29.13 -15.18
C LEU A 232 0.91 27.85 -14.83
N ASP A 233 0.18 26.87 -14.31
CA ASP A 233 0.74 25.58 -13.90
C ASP A 233 0.14 24.49 -14.78
N ILE A 234 0.97 23.86 -15.62
CA ILE A 234 0.44 22.92 -16.62
C ILE A 234 0.49 21.48 -16.12
N GLY A 235 0.77 21.30 -14.83
CA GLY A 235 0.66 20.00 -14.18
C GLY A 235 1.67 18.97 -14.65
N GLY A 236 1.30 17.69 -14.54
CA GLY A 236 2.19 16.61 -14.88
C GLY A 236 1.61 15.63 -15.87
N GLY A 237 2.04 14.38 -15.75
CA GLY A 237 1.64 13.31 -16.64
C GLY A 237 2.59 13.04 -17.78
N PHE A 238 3.67 13.80 -17.91
CA PHE A 238 4.62 13.58 -19.00
C PHE A 238 5.30 12.21 -18.82
N PRO A 239 5.53 11.48 -19.91
CA PRO A 239 6.08 10.13 -19.78
C PRO A 239 7.52 10.16 -19.26
N GLY A 240 7.85 9.13 -18.49
CA GLY A 240 9.15 9.00 -17.88
C GLY A 240 10.06 8.02 -18.56
N SER A 241 9.63 7.42 -19.66
CA SER A 241 10.47 6.50 -20.41
C SER A 241 10.10 6.58 -21.88
N GLU A 242 10.95 5.99 -22.72
CA GLU A 242 10.67 5.90 -24.15
C GLU A 242 9.74 4.76 -24.49
N ASP A 243 9.38 3.91 -23.52
CA ASP A 243 8.53 2.76 -23.77
C ASP A 243 7.05 3.15 -23.65
N VAL A 244 6.67 4.16 -24.44
CA VAL A 244 5.31 4.68 -24.47
C VAL A 244 5.02 5.04 -25.92
N LYS A 245 3.73 5.05 -26.26
CA LYS A 245 3.36 5.43 -27.63
C LYS A 245 3.52 6.92 -27.85
N LEU A 246 3.11 7.74 -26.89
CA LEU A 246 3.16 9.18 -27.00
C LEU A 246 4.37 9.68 -26.23
N LYS A 247 5.41 10.07 -26.95
CA LYS A 247 6.68 10.42 -26.34
C LYS A 247 6.71 11.88 -25.89
N PHE A 248 7.61 12.16 -24.95
CA PHE A 248 7.73 13.48 -24.35
C PHE A 248 7.80 14.59 -25.40
N GLU A 249 8.67 14.43 -26.39
CA GLU A 249 8.90 15.49 -27.37
C GLU A 249 7.67 15.76 -28.24
N GLU A 250 6.87 14.75 -28.56
CA GLU A 250 5.62 15.05 -29.28
C GLU A 250 4.72 15.96 -28.45
N ILE A 251 4.60 15.64 -27.16
CA ILE A 251 3.77 16.43 -26.27
C ILE A 251 4.29 17.87 -26.20
N THR A 252 5.60 18.02 -26.00
CA THR A 252 6.15 19.37 -25.87
C THR A 252 6.07 20.15 -27.18
N GLY A 253 6.22 19.46 -28.32
CA GLY A 253 6.04 20.10 -29.60
C GLY A 253 4.63 20.64 -29.78
N VAL A 254 3.65 20.01 -29.15
CA VAL A 254 2.30 20.56 -29.22
C VAL A 254 2.02 21.58 -28.13
N ILE A 255 2.74 21.52 -27.01
CA ILE A 255 2.49 22.44 -25.91
C ILE A 255 3.09 23.81 -26.20
N ASN A 256 4.32 23.86 -26.70
CA ASN A 256 4.99 25.16 -26.84
C ASN A 256 4.25 26.14 -27.75
N PRO A 257 3.74 25.75 -28.93
CA PRO A 257 2.93 26.70 -29.71
C PRO A 257 1.68 27.16 -28.99
N ALA A 258 1.04 26.26 -28.24
CA ALA A 258 -0.14 26.67 -27.46
C ALA A 258 0.24 27.71 -26.41
N LEU A 259 1.34 27.48 -25.69
CA LEU A 259 1.80 28.46 -24.72
C LEU A 259 2.11 29.80 -25.39
N ASP A 260 2.77 29.77 -26.56
CA ASP A 260 3.08 31.01 -27.23
C ASP A 260 1.81 31.76 -27.65
N LYS A 261 0.78 31.02 -28.06
CA LYS A 261 -0.46 31.64 -28.51
C LYS A 261 -1.30 32.20 -27.36
N TYR A 262 -1.52 31.40 -26.31
CA TYR A 262 -2.42 31.82 -25.24
C TYR A 262 -1.71 32.56 -24.10
N PHE A 263 -0.42 32.30 -23.88
CA PHE A 263 0.33 32.95 -22.81
C PHE A 263 1.66 33.45 -23.34
N PRO A 264 1.65 34.51 -24.16
CA PRO A 264 2.91 35.05 -24.68
C PRO A 264 3.78 35.59 -23.56
N SER A 265 5.09 35.57 -23.80
CA SER A 265 6.04 35.98 -22.77
C SER A 265 5.86 37.44 -22.36
N ASP A 266 5.48 38.31 -23.31
CA ASP A 266 5.32 39.72 -22.99
C ASP A 266 4.21 39.97 -21.98
N SER A 267 3.25 39.05 -21.85
CA SER A 267 2.17 39.22 -20.87
C SER A 267 2.68 39.21 -19.43
N GLY A 268 3.87 38.68 -19.18
CA GLY A 268 4.38 38.60 -17.83
C GLY A 268 4.05 37.31 -17.12
N VAL A 269 3.46 36.34 -17.81
CA VAL A 269 3.10 35.07 -17.20
C VAL A 269 4.34 34.30 -16.80
N ARG A 270 4.25 33.58 -15.69
CA ARG A 270 5.26 32.63 -15.25
C ARG A 270 4.66 31.23 -15.38
N ILE A 271 5.29 30.38 -16.20
CA ILE A 271 4.76 29.05 -16.50
C ILE A 271 5.57 28.01 -15.73
N ILE A 272 4.88 27.13 -15.02
CA ILE A 272 5.51 26.06 -14.27
C ILE A 272 4.77 24.78 -14.63
N ALA A 273 5.39 23.66 -14.27
CA ALA A 273 4.79 22.34 -14.42
C ALA A 273 5.10 21.53 -13.17
N GLU A 274 4.39 20.42 -13.03
CA GLU A 274 4.52 19.52 -11.88
C GLU A 274 4.88 18.11 -12.33
N PRO A 275 5.98 17.91 -13.04
CA PRO A 275 6.31 16.56 -13.51
C PRO A 275 6.76 15.69 -12.35
N GLY A 276 6.18 14.50 -12.23
CA GLY A 276 6.77 13.56 -11.31
C GLY A 276 7.44 12.37 -11.98
N ARG A 277 6.65 11.58 -12.70
CA ARG A 277 7.18 10.35 -13.29
C ARG A 277 8.21 10.67 -14.37
N TYR A 278 8.08 11.83 -15.02
CA TYR A 278 9.02 12.19 -16.07
C TYR A 278 10.45 12.20 -15.57
N TYR A 279 10.66 12.66 -14.34
CA TYR A 279 12.02 12.79 -13.82
C TYR A 279 12.63 11.47 -13.39
N VAL A 280 11.83 10.52 -12.92
CA VAL A 280 12.38 9.40 -12.16
C VAL A 280 12.07 8.03 -12.73
N ALA A 281 11.10 7.89 -13.65
CA ALA A 281 10.65 6.56 -14.04
C ALA A 281 11.81 5.68 -14.51
N SER A 282 12.58 6.17 -15.49
CA SER A 282 13.62 5.35 -16.09
C SER A 282 14.89 5.29 -15.26
N ALA A 283 15.02 6.12 -14.22
CA ALA A 283 16.22 6.14 -13.40
C ALA A 283 16.37 4.88 -12.54
N PHE A 284 15.27 4.19 -12.24
CA PHE A 284 15.27 3.03 -11.34
C PHE A 284 15.07 1.75 -12.13
N THR A 285 15.93 0.77 -11.89
CA THR A 285 15.73 -0.59 -12.38
C THR A 285 15.66 -1.52 -11.18
N LEU A 286 14.66 -2.40 -11.17
CA LEU A 286 14.42 -3.31 -10.06
C LEU A 286 14.90 -4.70 -10.44
N ALA A 287 15.64 -5.34 -9.54
CA ALA A 287 16.07 -6.72 -9.71
C ALA A 287 15.41 -7.54 -8.61
N VAL A 288 14.64 -8.55 -9.00
CA VAL A 288 14.01 -9.45 -8.05
C VAL A 288 14.58 -10.84 -8.27
N ASN A 289 14.60 -11.63 -7.20
CA ASN A 289 15.12 -12.98 -7.28
C ASN A 289 13.95 -13.96 -7.30
N ILE A 290 14.09 -15.00 -8.11
CA ILE A 290 13.11 -16.08 -8.09
C ILE A 290 13.37 -16.91 -6.83
N ILE A 291 12.45 -16.83 -5.88
CA ILE A 291 12.62 -17.50 -4.60
C ILE A 291 11.88 -18.84 -4.55
N ALA A 292 10.93 -19.07 -5.45
CA ALA A 292 10.23 -20.35 -5.44
C ALA A 292 9.68 -20.62 -6.84
N LYS A 293 9.35 -21.89 -7.08
CA LYS A 293 9.02 -22.33 -8.43
C LYS A 293 8.10 -23.53 -8.38
N LYS A 294 7.10 -23.54 -9.26
CA LYS A 294 6.20 -24.67 -9.44
C LYS A 294 6.04 -24.97 -10.91
N ILE A 295 5.91 -26.25 -11.25
CA ILE A 295 5.65 -26.68 -12.61
C ILE A 295 4.24 -27.27 -12.66
N VAL A 296 3.43 -26.77 -13.58
CA VAL A 296 2.04 -27.20 -13.75
C VAL A 296 1.91 -27.79 -15.16
N LEU A 297 1.53 -29.05 -15.23
CA LEU A 297 1.40 -29.73 -16.52
C LEU A 297 0.14 -29.30 -17.27
N GLU A 311 1.85 -27.26 -22.93
CA GLU A 311 1.83 -28.44 -22.07
C GLU A 311 2.42 -28.13 -20.70
N GLN A 312 3.69 -27.76 -20.69
CA GLN A 312 4.41 -27.42 -19.46
C GLN A 312 4.26 -25.92 -19.19
N THR A 313 3.78 -25.56 -17.99
CA THR A 313 3.66 -24.16 -17.60
C THR A 313 4.34 -23.96 -16.25
N PHE A 314 4.71 -22.72 -15.96
CA PHE A 314 5.51 -22.45 -14.77
C PHE A 314 4.91 -21.33 -13.94
N MET A 315 5.07 -21.46 -12.61
CA MET A 315 4.73 -20.42 -11.65
C MET A 315 6.00 -20.03 -10.92
N TYR A 316 6.39 -18.77 -11.04
CA TYR A 316 7.59 -18.27 -10.38
C TYR A 316 7.18 -17.33 -9.27
N TYR A 317 7.83 -17.45 -8.12
CA TYR A 317 7.61 -16.58 -6.96
C TYR A 317 8.88 -15.77 -6.76
N VAL A 318 8.72 -14.44 -6.70
CA VAL A 318 9.84 -13.51 -6.57
C VAL A 318 9.68 -12.72 -5.28
N ASN A 319 10.77 -12.06 -4.87
CA ASN A 319 10.78 -11.44 -3.54
C ASN A 319 10.46 -9.95 -3.57
N ASP A 320 9.57 -9.55 -4.49
CA ASP A 320 8.89 -8.26 -4.46
C ASP A 320 7.51 -8.48 -5.06
N GLY A 321 6.53 -7.72 -4.59
CA GLY A 321 5.17 -7.98 -5.02
C GLY A 321 4.23 -6.79 -5.00
N VAL A 322 2.93 -7.07 -5.09
CA VAL A 322 1.92 -6.02 -5.17
C VAL A 322 1.85 -5.19 -3.89
N TYR A 323 2.24 -5.75 -2.74
CA TYR A 323 2.34 -4.94 -1.53
C TYR A 323 3.60 -4.10 -1.48
N GLY A 324 4.61 -4.46 -2.28
CA GLY A 324 5.83 -3.68 -2.40
C GLY A 324 5.85 -2.81 -3.63
N SER A 325 6.87 -3.00 -4.47
CA SER A 325 7.08 -2.14 -5.63
C SER A 325 5.95 -2.24 -6.65
N PHE A 326 5.26 -3.36 -6.71
CA PHE A 326 4.26 -3.61 -7.74
C PHE A 326 2.87 -3.19 -7.31
N ASN A 327 2.76 -2.42 -6.24
CA ASN A 327 1.48 -1.80 -5.93
C ASN A 327 1.05 -0.95 -7.11
N CYS A 328 2.03 -0.47 -7.88
CA CYS A 328 1.75 0.35 -9.04
C CYS A 328 0.82 -0.36 -10.02
N ILE A 329 0.71 -1.69 -9.97
CA ILE A 329 -0.18 -2.40 -10.88
C ILE A 329 -1.64 -2.06 -10.59
N LEU A 330 -1.95 -1.91 -9.31
CA LEU A 330 -3.29 -1.59 -8.85
C LEU A 330 -3.52 -0.09 -8.66
N TYR A 331 -2.56 0.60 -8.02
CA TYR A 331 -2.73 2.03 -7.79
C TYR A 331 -2.47 2.87 -9.04
N ASP A 332 -1.44 2.53 -9.84
CA ASP A 332 -1.00 3.35 -10.96
C ASP A 332 -1.36 2.76 -12.33
N HIS A 333 -2.20 1.73 -12.41
CA HIS A 333 -2.55 1.05 -13.67
C HIS A 333 -1.30 0.64 -14.46
N ALA A 334 -0.29 0.14 -13.76
CA ALA A 334 0.96 -0.19 -14.44
C ALA A 334 0.87 -1.57 -15.08
N HIS A 335 1.55 -1.72 -16.22
CA HIS A 335 1.80 -3.01 -16.85
C HIS A 335 3.30 -3.24 -16.87
N VAL A 336 3.73 -4.36 -16.30
CA VAL A 336 5.15 -4.61 -16.06
C VAL A 336 5.64 -5.67 -17.03
N LYS A 337 6.86 -5.47 -17.53
CA LYS A 337 7.47 -6.42 -18.45
C LYS A 337 8.69 -7.05 -17.80
N PRO A 338 8.66 -8.33 -17.46
CA PRO A 338 9.86 -8.97 -16.90
C PRO A 338 10.92 -9.15 -17.97
N LEU A 339 12.17 -8.92 -17.60
CA LEU A 339 13.31 -9.02 -18.48
C LEU A 339 14.31 -10.00 -17.87
N LEU A 340 14.93 -10.81 -18.71
CA LEU A 340 15.90 -11.77 -18.22
C LEU A 340 17.23 -11.09 -17.96
N GLN A 341 17.83 -11.42 -16.81
CA GLN A 341 19.17 -10.92 -16.54
C GLN A 341 20.18 -11.57 -17.48
N LYS A 342 20.03 -12.87 -17.73
CA LYS A 342 20.89 -13.65 -18.62
C LYS A 342 20.21 -13.74 -19.99
N ARG A 343 20.90 -13.30 -21.04
CA ARG A 343 20.30 -13.26 -22.38
C ARG A 343 19.81 -14.64 -22.87
N PRO A 344 18.61 -14.68 -23.52
CA PRO A 344 18.00 -15.91 -24.06
C PRO A 344 18.33 -16.22 -25.52
N LYS A 345 18.85 -17.42 -25.81
CA LYS A 345 19.16 -17.82 -27.17
C LYS A 345 17.90 -17.91 -28.05
N PRO A 346 18.04 -17.65 -29.36
CA PRO A 346 16.90 -17.75 -30.28
C PRO A 346 16.20 -19.10 -30.27
N ASP A 347 16.89 -20.16 -29.87
CA ASP A 347 16.36 -21.52 -29.94
C ASP A 347 15.77 -22.00 -28.63
N GLU A 348 15.99 -21.27 -27.54
CA GLU A 348 15.47 -21.65 -26.24
C GLU A 348 13.95 -21.71 -26.27
N LYS A 349 13.38 -22.73 -25.63
CA LYS A 349 11.94 -22.89 -25.55
C LYS A 349 11.36 -21.89 -24.55
N TYR A 350 10.24 -21.27 -24.92
CA TYR A 350 9.49 -20.39 -24.04
C TYR A 350 8.23 -21.11 -23.56
N TYR A 351 7.90 -20.95 -22.27
CA TYR A 351 6.74 -21.56 -21.66
C TYR A 351 5.81 -20.49 -21.08
N SER A 352 4.53 -20.83 -21.07
CA SER A 352 3.54 -19.97 -20.43
C SER A 352 3.83 -19.95 -18.93
N SER A 353 3.87 -18.75 -18.36
CA SER A 353 4.31 -18.65 -16.99
C SER A 353 3.55 -17.53 -16.29
N SER A 354 3.52 -17.64 -14.99
CA SER A 354 2.92 -16.63 -14.13
C SER A 354 3.97 -16.24 -13.10
N ILE A 355 3.91 -14.99 -12.66
CA ILE A 355 4.87 -14.46 -11.69
C ILE A 355 4.11 -13.92 -10.48
N TRP A 356 4.52 -14.34 -9.30
CA TRP A 356 3.82 -14.07 -8.06
C TRP A 356 4.74 -13.38 -7.07
N GLY A 357 4.15 -12.59 -6.18
CA GLY A 357 4.87 -11.94 -5.10
C GLY A 357 5.10 -12.88 -3.94
N PRO A 358 5.90 -12.40 -2.97
CA PRO A 358 6.27 -13.23 -1.81
C PRO A 358 5.19 -13.41 -0.73
N THR A 359 4.22 -12.50 -0.61
CA THR A 359 3.29 -12.56 0.50
C THR A 359 2.35 -13.75 0.39
N CYS A 360 1.73 -14.10 1.52
CA CYS A 360 0.80 -15.23 1.55
C CYS A 360 -0.57 -14.91 0.95
N ASP A 361 -0.76 -13.71 0.40
CA ASP A 361 -2.03 -13.31 -0.18
C ASP A 361 -2.19 -13.88 -1.60
N GLY A 362 -3.31 -14.55 -1.85
CA GLY A 362 -3.58 -15.11 -3.17
C GLY A 362 -3.68 -14.07 -4.26
N LEU A 363 -3.89 -12.80 -3.89
CA LEU A 363 -3.99 -11.72 -4.85
C LEU A 363 -2.63 -11.12 -5.19
N ASP A 364 -1.56 -11.55 -4.52
CA ASP A 364 -0.23 -11.01 -4.76
C ASP A 364 0.38 -11.72 -5.98
N ARG A 365 -0.12 -11.32 -7.15
CA ARG A 365 0.30 -11.84 -8.45
C ARG A 365 0.76 -10.67 -9.30
N ILE A 366 2.00 -10.75 -9.80
CA ILE A 366 2.57 -9.69 -10.63
C ILE A 366 2.19 -9.84 -12.09
N VAL A 367 2.30 -11.04 -12.64
CA VAL A 367 2.02 -11.28 -14.06
C VAL A 367 1.15 -12.51 -14.17
N GLU A 368 -0.03 -12.35 -14.76
CA GLU A 368 -0.96 -13.47 -14.93
C GLU A 368 -0.42 -14.49 -15.92
N ARG A 369 0.03 -14.02 -17.09
CA ARG A 369 0.58 -14.92 -18.09
C ARG A 369 1.61 -14.18 -18.94
N CYS A 370 2.74 -14.83 -19.17
CA CYS A 370 3.75 -14.31 -20.09
C CYS A 370 4.58 -15.50 -20.57
N ASP A 371 5.40 -15.27 -21.58
CA ASP A 371 6.23 -16.34 -22.12
C ASP A 371 7.66 -16.13 -21.63
N LEU A 372 8.20 -17.15 -20.97
CA LEU A 372 9.56 -17.10 -20.43
C LEU A 372 10.25 -18.43 -20.67
N PRO A 373 11.56 -18.44 -20.86
CA PRO A 373 12.28 -19.71 -20.81
C PRO A 373 12.20 -20.25 -19.39
N GLU A 374 12.48 -21.55 -19.26
CA GLU A 374 12.48 -22.12 -17.92
C GLU A 374 13.55 -21.46 -17.07
N MET A 375 13.14 -20.92 -15.93
CA MET A 375 14.03 -20.27 -15.00
C MET A 375 14.07 -21.08 -13.72
N HIS A 376 15.03 -20.76 -12.86
CA HIS A 376 15.28 -21.54 -11.67
C HIS A 376 15.37 -20.63 -10.46
N VAL A 377 15.17 -21.23 -9.29
CA VAL A 377 15.33 -20.50 -8.03
C VAL A 377 16.75 -19.97 -7.96
N GLY A 378 16.88 -18.70 -7.60
CA GLY A 378 18.15 -18.01 -7.61
C GLY A 378 18.42 -17.18 -8.85
N ASP A 379 17.66 -17.40 -9.92
CA ASP A 379 17.75 -16.56 -11.10
C ASP A 379 17.10 -15.20 -10.83
N TRP A 380 17.52 -14.20 -11.58
CA TRP A 380 17.05 -12.84 -11.39
C TRP A 380 16.14 -12.43 -12.55
N MET A 381 15.14 -11.62 -12.22
CA MET A 381 14.28 -10.98 -13.19
C MET A 381 14.43 -9.48 -13.01
N LEU A 382 14.47 -8.75 -14.12
CA LEU A 382 14.68 -7.31 -14.08
C LEU A 382 13.43 -6.60 -14.57
N PHE A 383 13.13 -5.48 -13.94
CA PHE A 383 12.03 -4.63 -14.33
C PHE A 383 12.57 -3.22 -14.50
N GLU A 384 12.56 -2.73 -15.73
CA GLU A 384 13.04 -1.40 -16.03
C GLU A 384 11.92 -0.37 -15.79
N ASN A 385 12.33 0.90 -15.72
CA ASN A 385 11.39 2.02 -15.59
C ASN A 385 10.49 1.88 -14.37
N MET A 386 11.11 1.55 -13.24
CA MET A 386 10.40 1.31 -11.98
C MET A 386 10.55 2.44 -10.97
N GLY A 387 10.88 3.65 -11.43
CA GLY A 387 11.11 4.76 -10.52
C GLY A 387 9.87 5.41 -9.93
N ALA A 388 8.78 5.42 -10.70
CA ALA A 388 7.61 6.26 -10.40
C ALA A 388 6.49 5.44 -9.79
N TYR A 389 5.98 5.91 -8.64
CA TYR A 389 4.82 5.32 -7.96
C TYR A 389 5.03 3.84 -7.65
N THR A 390 6.28 3.50 -7.30
CA THR A 390 6.58 2.12 -6.91
C THR A 390 7.00 2.03 -5.46
N VAL A 391 8.18 2.53 -5.10
CA VAL A 391 8.62 2.50 -3.71
C VAL A 391 7.83 3.48 -2.88
N ALA A 392 7.35 4.56 -3.51
CA ALA A 392 6.61 5.58 -2.77
C ALA A 392 5.36 5.00 -2.10
N ALA A 393 4.81 3.90 -2.62
CA ALA A 393 3.57 3.36 -2.09
C ALA A 393 3.75 1.95 -1.55
N ALA A 394 4.99 1.53 -1.33
CA ALA A 394 5.23 0.19 -0.83
C ALA A 394 4.91 0.12 0.65
N SER A 395 4.49 -1.07 1.09
CA SER A 395 4.20 -1.33 2.49
C SER A 395 5.08 -2.47 2.96
N THR A 396 5.08 -2.72 4.27
CA THR A 396 5.78 -3.86 4.83
C THR A 396 4.82 -4.99 5.17
N PHE A 397 3.76 -5.15 4.39
CA PHE A 397 2.77 -6.18 4.64
C PHE A 397 3.43 -7.56 4.67
N ASN A 398 3.09 -8.34 5.69
CA ASN A 398 3.56 -9.70 5.90
C ASN A 398 5.01 -9.67 6.41
N GLY A 399 5.54 -8.50 6.72
CA GLY A 399 6.88 -8.39 7.25
C GLY A 399 7.99 -8.32 6.23
N PHE A 400 7.67 -8.21 4.95
CA PHE A 400 8.71 -8.13 3.94
C PHE A 400 9.20 -6.70 3.81
N GLN A 401 10.51 -6.50 3.93
CA GLN A 401 11.09 -5.18 3.92
C GLN A 401 11.23 -4.65 2.50
N ARG A 402 11.35 -3.34 2.40
CA ARG A 402 11.51 -2.67 1.11
C ARG A 402 12.87 -3.04 0.52
N PRO A 403 12.96 -3.19 -0.81
CA PRO A 403 14.27 -3.48 -1.40
C PRO A 403 15.23 -2.33 -1.19
N THR A 404 16.49 -2.66 -0.97
CA THR A 404 17.53 -1.65 -0.88
C THR A 404 17.68 -0.94 -2.22
N ILE A 405 17.92 0.36 -2.17
CA ILE A 405 18.18 1.16 -3.36
C ILE A 405 19.66 1.52 -3.38
N TYR A 406 20.35 1.18 -4.47
CA TYR A 406 21.74 1.57 -4.65
C TYR A 406 21.76 2.74 -5.62
N TYR A 407 22.17 3.91 -5.13
CA TYR A 407 22.22 5.12 -5.94
C TYR A 407 23.60 5.18 -6.61
N VAL A 408 23.61 5.43 -7.91
CA VAL A 408 24.85 5.55 -8.66
C VAL A 408 24.85 6.88 -9.40
N MET A 409 26.05 7.39 -9.66
CA MET A 409 26.22 8.62 -10.42
C MET A 409 27.63 8.65 -10.97
N SER A 410 27.76 8.99 -12.25
CA SER A 410 29.08 9.07 -12.84
C SER A 410 29.76 10.39 -12.48
N GLY A 411 31.05 10.46 -12.75
CA GLY A 411 31.78 11.68 -12.56
C GLY A 411 31.25 12.81 -13.43
N PRO A 412 31.09 12.56 -14.73
CA PRO A 412 30.52 13.62 -15.59
C PRO A 412 29.15 14.10 -15.15
N ALA A 413 28.29 13.18 -14.70
CA ALA A 413 27.00 13.59 -14.17
C ALA A 413 27.15 14.49 -12.95
N TRP A 414 28.09 14.16 -12.06
CA TRP A 414 28.34 15.01 -10.92
C TRP A 414 28.82 16.39 -11.36
N GLN A 415 29.69 16.44 -12.38
CA GLN A 415 30.15 17.73 -12.89
C GLN A 415 29.00 18.55 -13.46
N LEU A 416 28.10 17.90 -14.19
CA LEU A 416 26.91 18.58 -14.72
C LEU A 416 26.07 19.15 -13.59
N MET A 417 25.87 18.37 -12.53
CA MET A 417 25.13 18.86 -11.37
C MET A 417 25.83 20.07 -10.76
N GLN A 418 27.16 20.06 -10.75
CA GLN A 418 27.89 21.21 -10.22
C GLN A 418 27.62 22.45 -11.05
N GLN A 419 27.54 22.27 -12.37
CA GLN A 419 27.23 23.40 -13.24
C GLN A 419 25.85 23.97 -12.94
N PHE A 420 24.89 23.09 -12.68
CA PHE A 420 23.54 23.54 -12.33
C PHE A 420 23.51 24.27 -11.00
N GLN A 421 24.42 23.94 -10.09
CA GLN A 421 24.55 24.61 -8.81
C GLN A 421 25.22 25.98 -8.93
N ASN A 422 25.68 26.35 -10.11
CA ASN A 422 26.27 27.66 -10.34
C ASN A 422 25.76 28.22 -11.67
N MET B 1 -7.86 11.42 25.20
CA MET B 1 -6.70 10.83 25.87
C MET B 1 -5.46 10.96 25.00
N ASN B 2 -4.29 10.92 25.65
CA ASN B 2 -3.01 11.11 24.99
C ASN B 2 -2.14 9.89 25.21
N ASN B 3 -1.45 9.48 24.15
CA ASN B 3 -0.54 8.34 24.29
C ASN B 3 0.66 8.73 25.14
N PHE B 4 0.99 7.84 26.06
CA PHE B 4 2.11 7.99 26.98
C PHE B 4 3.36 7.46 26.27
N ASN B 6 4.96 6.12 23.32
CA ASN B 6 4.70 5.49 22.04
C ASN B 6 3.50 4.56 22.17
N GLU B 7 2.56 4.68 21.23
CA GLU B 7 1.31 3.94 21.28
C GLU B 7 1.51 2.42 21.30
N GLU B 8 2.65 1.92 20.82
CA GLU B 8 2.86 0.47 20.71
C GLU B 8 2.61 -0.23 22.04
N PHE B 9 3.21 0.27 23.12
CA PHE B 9 3.15 -0.42 24.40
C PHE B 9 2.30 0.34 25.43
N ASP B 10 1.65 1.41 25.03
CA ASP B 10 0.80 2.17 25.94
C ASP B 10 -0.64 1.63 25.85
N CYS B 11 -1.19 1.23 26.98
CA CYS B 11 -2.57 0.79 27.06
C CYS B 11 -3.32 1.63 28.10
N HIS B 12 -4.52 2.05 27.75
CA HIS B 12 -5.35 2.89 28.61
C HIS B 12 -6.42 2.04 29.28
N PHE B 13 -6.82 2.47 30.48
CA PHE B 13 -7.87 1.77 31.20
C PHE B 13 -9.23 2.13 30.61
N LEU B 14 -10.13 1.15 30.58
CA LEU B 14 -11.51 1.35 30.15
C LEU B 14 -12.38 1.17 31.39
N ASP B 15 -12.96 2.28 31.87
CA ASP B 15 -13.71 2.30 33.12
C ASP B 15 -15.00 1.48 33.02
N GLU B 16 -15.50 1.09 34.20
CA GLU B 16 -16.74 0.31 34.29
C GLU B 16 -17.89 1.06 33.63
N GLY B 17 -18.67 0.33 32.82
CA GLY B 17 -19.79 0.93 32.13
C GLY B 17 -19.45 1.68 30.87
N PHE B 18 -18.19 1.66 30.44
CA PHE B 18 -17.76 2.37 29.24
C PHE B 18 -17.34 1.38 28.17
N THR B 19 -17.58 1.74 26.91
CA THR B 19 -17.22 0.94 25.77
C THR B 19 -16.29 1.73 24.84
N ALA B 20 -15.72 1.01 23.88
CA ALA B 20 -14.84 1.65 22.89
C ALA B 20 -15.49 2.88 22.26
N LYS B 21 -16.80 2.82 22.00
CA LYS B 21 -17.49 3.96 21.41
C LYS B 21 -17.44 5.18 22.33
N ASP B 22 -17.57 4.96 23.64
CA ASP B 22 -17.53 6.07 24.57
C ASP B 22 -16.15 6.73 24.58
N ILE B 23 -15.10 5.92 24.53
CA ILE B 23 -13.74 6.44 24.43
C ILE B 23 -13.57 7.26 23.16
N LEU B 24 -14.12 6.76 22.06
CA LEU B 24 -14.08 7.48 20.80
C LEU B 24 -14.76 8.85 20.93
N ASP B 25 -15.97 8.87 21.50
CA ASP B 25 -16.66 10.13 21.75
C ASP B 25 -15.84 11.07 22.62
N GLN B 26 -15.23 10.55 23.69
CA GLN B 26 -14.43 11.39 24.57
C GLN B 26 -13.26 12.03 23.83
N LYS B 27 -12.51 11.23 23.07
CA LYS B 27 -11.41 11.77 22.30
C LYS B 27 -11.89 12.85 21.33
N ILE B 28 -13.01 12.61 20.65
CA ILE B 28 -13.56 13.59 19.73
C ILE B 28 -13.93 14.87 20.47
N ASN B 29 -14.64 14.74 21.61
CA ASN B 29 -14.99 15.92 22.40
C ASN B 29 -13.75 16.67 22.84
N GLU B 30 -12.68 15.95 23.20
CA GLU B 30 -11.47 16.57 23.71
C GLU B 30 -10.83 17.51 22.68
N VAL B 31 -10.88 17.16 21.40
CA VAL B 31 -10.25 17.95 20.36
C VAL B 31 -11.24 18.83 19.59
N SER B 32 -12.47 18.97 20.09
CA SER B 32 -13.50 19.67 19.31
C SER B 32 -13.13 21.13 19.03
N SER B 33 -12.49 21.82 19.97
CA SER B 33 -12.18 23.23 19.80
C SER B 33 -10.76 23.48 19.31
N SER B 34 -10.12 22.46 18.72
CA SER B 34 -8.76 22.57 18.22
C SER B 34 -8.71 22.02 16.79
N ASP B 35 -7.63 22.35 16.09
CA ASP B 35 -7.44 21.86 14.74
C ASP B 35 -6.63 20.56 14.66
N ASP B 36 -6.31 19.94 15.80
CA ASP B 36 -5.65 18.65 15.78
C ASP B 36 -6.72 17.56 15.62
N LYS B 37 -7.10 17.35 14.36
CA LYS B 37 -8.17 16.44 13.99
C LYS B 37 -7.65 15.29 13.12
N ASP B 38 -6.47 14.77 13.44
CA ASP B 38 -5.94 13.61 12.73
C ASP B 38 -6.79 12.37 12.97
N ALA B 39 -6.86 11.52 11.95
CA ALA B 39 -7.55 10.25 12.09
C ALA B 39 -6.93 9.42 13.21
N PHE B 40 -7.76 8.64 13.89
CA PHE B 40 -7.22 7.79 14.93
C PHE B 40 -8.07 6.53 15.08
N TYR B 41 -7.44 5.50 15.62
CA TYR B 41 -8.09 4.26 16.00
C TYR B 41 -8.30 4.19 17.50
N VAL B 42 -9.39 3.53 17.90
CA VAL B 42 -9.53 2.97 19.23
C VAL B 42 -9.52 1.46 19.07
N ALA B 43 -8.57 0.81 19.73
CA ALA B 43 -8.40 -0.64 19.65
C ALA B 43 -8.67 -1.22 21.03
N ASP B 44 -9.75 -2.00 21.14
CA ASP B 44 -10.13 -2.60 22.42
C ASP B 44 -9.50 -3.96 22.51
N LEU B 45 -8.40 -4.06 23.26
CA LEU B 45 -7.76 -5.35 23.46
C LEU B 45 -8.67 -6.34 24.18
N GLY B 46 -9.64 -5.83 24.97
CA GLY B 46 -10.62 -6.71 25.58
C GLY B 46 -11.47 -7.46 24.58
N ASP B 47 -11.77 -6.84 23.44
CA ASP B 47 -12.51 -7.53 22.39
C ASP B 47 -11.73 -8.72 21.86
N ILE B 48 -10.41 -8.60 21.77
CA ILE B 48 -9.59 -9.73 21.33
C ILE B 48 -9.65 -10.85 22.36
N LEU B 49 -9.61 -10.50 23.64
CA LEU B 49 -9.74 -11.51 24.69
C LEU B 49 -11.11 -12.16 24.64
N LYS B 50 -12.16 -11.38 24.36
CA LYS B 50 -13.49 -11.95 24.20
C LYS B 50 -13.51 -12.96 23.06
N LYS B 51 -12.87 -12.61 21.94
CA LYS B 51 -12.78 -13.52 20.80
C LYS B 51 -12.07 -14.81 21.18
N HIS B 52 -11.01 -14.71 22.00
CA HIS B 52 -10.31 -15.93 22.40
C HIS B 52 -11.20 -16.83 23.24
N LEU B 53 -11.90 -16.25 24.21
CA LEU B 53 -12.83 -17.03 25.01
C LEU B 53 -13.87 -17.70 24.12
N ARG B 54 -14.41 -16.93 23.16
CA ARG B 54 -15.39 -17.47 22.23
C ARG B 54 -14.82 -18.60 21.38
N TRP B 55 -13.55 -18.48 20.99
CA TRP B 55 -12.90 -19.55 20.23
C TRP B 55 -12.78 -20.81 21.08
N LEU B 56 -12.32 -20.66 22.33
CA LEU B 56 -12.17 -21.81 23.20
C LEU B 56 -13.47 -22.58 23.35
N LYS B 57 -14.59 -21.86 23.38
CA LYS B 57 -15.89 -22.51 23.54
C LYS B 57 -16.38 -23.12 22.24
N ALA B 58 -16.10 -22.47 21.11
CA ALA B 58 -16.65 -22.93 19.84
C ALA B 58 -15.83 -24.04 19.21
N LEU B 59 -14.51 -24.03 19.41
CA LEU B 59 -13.59 -25.00 18.80
C LEU B 59 -12.66 -25.55 19.88
N PRO B 60 -13.19 -26.31 20.84
CA PRO B 60 -12.35 -26.74 21.98
C PRO B 60 -11.18 -27.62 21.60
N ARG B 61 -11.22 -28.30 20.46
CA ARG B 61 -10.12 -29.17 20.06
C ARG B 61 -9.06 -28.46 19.22
N VAL B 62 -9.24 -27.18 18.90
CA VAL B 62 -8.39 -26.51 17.93
C VAL B 62 -7.59 -25.42 18.61
N THR B 63 -6.27 -25.55 18.59
CA THR B 63 -5.39 -24.53 19.14
C THR B 63 -5.20 -23.41 18.11
N PRO B 64 -5.54 -22.17 18.43
CA PRO B 64 -5.38 -21.07 17.46
C PRO B 64 -3.95 -20.56 17.39
N PHE B 65 -3.45 -20.39 16.16
CA PHE B 65 -2.17 -19.74 15.87
C PHE B 65 -2.46 -18.45 15.13
N TYR B 66 -2.33 -17.31 15.82
CA TYR B 66 -2.74 -16.03 15.24
C TYR B 66 -1.91 -15.70 13.99
N ALA B 67 -2.60 -15.35 12.90
CA ALA B 67 -1.94 -14.96 11.66
C ALA B 67 -1.47 -13.52 11.79
N VAL B 68 -0.19 -13.34 12.15
CA VAL B 68 0.38 -12.04 12.45
C VAL B 68 0.19 -11.06 11.30
N LYS B 69 0.23 -11.56 10.06
CA LYS B 69 0.15 -10.63 8.91
C LYS B 69 -1.13 -9.82 8.92
N CYS B 70 -2.18 -10.33 9.56
CA CYS B 70 -3.46 -9.64 9.56
C CYS B 70 -3.37 -8.29 10.27
N ASN B 71 -2.64 -8.27 11.38
CA ASN B 71 -2.38 -7.04 12.11
C ASN B 71 -1.19 -7.31 13.00
N ASP B 72 -0.04 -6.74 12.67
CA ASP B 72 1.19 -7.02 13.41
C ASP B 72 1.40 -6.08 14.60
N SER B 73 0.34 -5.48 15.12
CA SER B 73 0.47 -4.61 16.29
C SER B 73 1.15 -5.35 17.43
N LYS B 74 2.20 -4.73 17.99
CA LYS B 74 2.88 -5.35 19.13
C LYS B 74 1.92 -5.54 20.30
N ALA B 75 1.03 -4.58 20.54
CA ALA B 75 0.03 -4.71 21.60
C ALA B 75 -0.83 -5.96 21.40
N ILE B 76 -1.27 -6.20 20.16
CA ILE B 76 -2.07 -7.39 19.88
C ILE B 76 -1.28 -8.65 20.15
N VAL B 77 -0.07 -8.73 19.61
CA VAL B 77 0.73 -9.95 19.75
C VAL B 77 1.05 -10.20 21.22
N LYS B 78 1.35 -9.13 21.97
CA LYS B 78 1.62 -9.28 23.39
C LYS B 78 0.40 -9.80 24.13
N THR B 79 -0.79 -9.29 23.80
CA THR B 79 -2.00 -9.77 24.46
C THR B 79 -2.27 -11.22 24.14
N LEU B 80 -2.16 -11.58 22.86
CA LEU B 80 -2.37 -12.98 22.46
C LEU B 80 -1.28 -13.88 23.00
N ALA B 81 -0.04 -13.40 23.09
CA ALA B 81 1.03 -14.23 23.65
C ALA B 81 0.75 -14.56 25.12
N ALA B 82 0.28 -13.58 25.90
CA ALA B 82 -0.11 -13.88 27.27
C ALA B 82 -1.25 -14.89 27.30
N THR B 83 -2.12 -14.84 26.31
CA THR B 83 -3.25 -15.77 26.20
C THR B 83 -2.79 -17.20 25.93
N ARG B 84 -1.53 -17.39 25.50
CA ARG B 84 -0.90 -18.68 25.22
C ARG B 84 -1.26 -19.23 23.84
N THR B 85 -1.80 -18.41 22.94
CA THR B 85 -2.00 -18.90 21.58
C THR B 85 -0.68 -19.09 20.88
N GLY B 86 -0.73 -19.80 19.75
CA GLY B 86 0.39 -19.88 18.85
C GLY B 86 0.41 -18.70 17.91
N PHE B 87 1.44 -18.66 17.06
CA PHE B 87 1.53 -17.63 16.04
C PHE B 87 1.90 -18.23 14.69
N ASP B 88 1.18 -17.81 13.66
CA ASP B 88 1.50 -18.17 12.29
C ASP B 88 2.29 -17.01 11.70
N CYS B 89 3.54 -17.29 11.33
CA CYS B 89 4.48 -16.28 10.86
C CYS B 89 4.90 -16.62 9.44
N ALA B 90 4.97 -15.60 8.59
CA ALA B 90 5.34 -15.80 7.19
C ALA B 90 6.75 -15.31 6.83
N SER B 91 7.45 -14.66 7.75
CA SER B 91 8.71 -14.05 7.36
C SER B 91 9.59 -13.85 8.59
N LYS B 92 10.84 -13.49 8.31
CA LYS B 92 11.81 -13.27 9.38
C LYS B 92 11.34 -12.15 10.31
N THR B 93 10.79 -11.08 9.75
CA THR B 93 10.37 -9.95 10.58
C THR B 93 9.24 -10.36 11.53
N GLU B 94 8.29 -11.16 11.02
CA GLU B 94 7.20 -11.63 11.89
C GLU B 94 7.74 -12.56 12.97
N ILE B 95 8.65 -13.47 12.62
CA ILE B 95 9.23 -14.34 13.64
C ILE B 95 9.98 -13.50 14.68
N GLN B 96 10.74 -12.50 14.21
CA GLN B 96 11.47 -11.63 15.13
C GLN B 96 10.52 -10.94 16.10
N LEU B 97 9.41 -10.42 15.58
CA LEU B 97 8.44 -9.73 16.43
C LEU B 97 7.91 -10.65 17.51
N VAL B 98 7.50 -11.86 17.12
CA VAL B 98 6.91 -12.78 18.08
C VAL B 98 7.93 -13.23 19.12
N GLN B 99 9.14 -13.58 18.68
CA GLN B 99 10.16 -14.02 19.61
C GLN B 99 10.60 -12.88 20.53
N SER B 100 10.64 -11.64 20.01
CA SER B 100 11.00 -10.50 20.85
C SER B 100 10.06 -10.38 22.05
N LEU B 101 8.78 -10.67 21.86
CA LEU B 101 7.80 -10.64 22.95
C LEU B 101 7.91 -11.83 23.89
N GLY B 102 8.76 -12.80 23.61
CA GLY B 102 9.01 -13.89 24.51
C GLY B 102 8.39 -15.21 24.15
N VAL B 103 7.87 -15.35 22.94
CA VAL B 103 7.17 -16.58 22.56
C VAL B 103 8.20 -17.63 22.14
N PRO B 104 8.17 -18.82 22.72
CA PRO B 104 9.12 -19.87 22.35
C PRO B 104 8.84 -20.40 20.95
N PRO B 105 9.83 -21.02 20.30
CA PRO B 105 9.64 -21.44 18.90
C PRO B 105 8.58 -22.51 18.71
N GLU B 106 8.29 -23.33 19.73
CA GLU B 106 7.29 -24.38 19.52
C GLU B 106 5.87 -23.83 19.45
N ARG B 107 5.67 -22.53 19.69
CA ARG B 107 4.39 -21.88 19.50
C ARG B 107 4.34 -21.07 18.20
N ILE B 108 5.26 -21.34 17.29
CA ILE B 108 5.34 -20.63 16.02
C ILE B 108 5.27 -21.65 14.90
N ILE B 109 4.39 -21.42 13.94
CA ILE B 109 4.41 -22.17 12.69
C ILE B 109 4.76 -21.20 11.58
N TYR B 110 5.71 -21.60 10.74
CA TYR B 110 6.15 -20.80 9.61
C TYR B 110 5.29 -21.23 8.41
N ALA B 111 4.08 -20.68 8.35
CA ALA B 111 3.07 -21.15 7.40
C ALA B 111 3.07 -20.34 6.11
N ASN B 112 4.25 -20.26 5.50
CA ASN B 112 4.43 -19.70 4.17
C ASN B 112 4.93 -20.82 3.28
N PRO B 113 4.19 -21.26 2.26
CA PRO B 113 4.65 -22.41 1.48
C PRO B 113 5.81 -22.12 0.55
N CYS B 114 6.10 -20.86 0.25
CA CYS B 114 7.11 -20.50 -0.76
C CYS B 114 8.06 -19.48 -0.15
N LYS B 115 9.10 -19.96 0.52
CA LYS B 115 9.96 -19.16 1.36
C LYS B 115 11.32 -18.93 0.71
N GLN B 116 11.82 -17.70 0.80
CA GLN B 116 13.18 -17.43 0.37
C GLN B 116 14.16 -18.23 1.22
N VAL B 117 15.22 -18.72 0.58
CA VAL B 117 16.16 -19.60 1.27
C VAL B 117 16.71 -18.92 2.52
N SER B 118 17.10 -17.65 2.42
CA SER B 118 17.66 -16.96 3.58
C SER B 118 16.64 -16.87 4.70
N GLN B 119 15.34 -16.78 4.36
CA GLN B 119 14.29 -16.77 5.38
C GLN B 119 14.15 -18.14 6.03
N ILE B 120 14.26 -19.20 5.24
CA ILE B 120 14.26 -20.54 5.83
C ILE B 120 15.42 -20.68 6.80
N LYS B 121 16.59 -20.20 6.39
CA LYS B 121 17.77 -20.24 7.24
C LYS B 121 17.54 -19.49 8.54
N TYR B 122 16.91 -18.31 8.45
CA TYR B 122 16.65 -17.56 9.68
C TYR B 122 15.78 -18.37 10.63
N ALA B 123 14.74 -19.02 10.10
CA ALA B 123 13.88 -19.84 10.94
C ALA B 123 14.65 -20.98 11.58
N ALA B 124 15.51 -21.65 10.81
CA ALA B 124 16.30 -22.73 11.39
C ALA B 124 17.24 -22.20 12.46
N ASN B 125 17.86 -21.03 12.21
CA ASN B 125 18.78 -20.45 13.18
C ASN B 125 18.08 -20.11 14.49
N ASN B 126 16.78 -19.79 14.44
CA ASN B 126 16.06 -19.40 15.63
C ASN B 126 15.09 -20.48 16.15
N GLY B 127 15.28 -21.72 15.71
CA GLY B 127 14.59 -22.84 16.30
C GLY B 127 13.16 -23.05 15.85
N VAL B 128 12.71 -22.38 14.80
CA VAL B 128 11.37 -22.59 14.27
C VAL B 128 11.41 -23.80 13.35
N GLN B 129 10.88 -24.93 13.82
CA GLN B 129 11.04 -26.18 13.10
C GLN B 129 9.90 -26.46 12.13
N MET B 130 8.70 -25.99 12.42
CA MET B 130 7.52 -26.34 11.64
C MET B 130 7.26 -25.31 10.55
N MET B 131 7.22 -25.77 9.30
CA MET B 131 6.98 -24.95 8.14
C MET B 131 6.06 -25.69 7.18
N THR B 132 5.32 -24.93 6.39
CA THR B 132 4.51 -25.53 5.34
C THR B 132 5.24 -25.56 4.01
N PHE B 133 4.71 -26.36 3.09
CA PHE B 133 5.27 -26.49 1.76
C PHE B 133 4.18 -27.04 0.85
N ASP B 134 4.32 -26.77 -0.45
CA ASP B 134 3.41 -27.39 -1.41
C ASP B 134 4.07 -27.72 -2.74
N SER B 135 5.40 -27.80 -2.79
CA SER B 135 6.08 -28.02 -4.05
C SER B 135 7.38 -28.79 -3.84
N GLU B 136 7.84 -29.41 -4.93
CA GLU B 136 9.10 -30.17 -4.90
C GLU B 136 10.28 -29.24 -4.71
N VAL B 137 10.28 -28.10 -5.38
CA VAL B 137 11.37 -27.14 -5.24
C VAL B 137 11.50 -26.70 -3.79
N GLU B 138 10.38 -26.55 -3.09
CA GLU B 138 10.45 -26.20 -1.67
C GLU B 138 11.15 -27.29 -0.88
N LEU B 139 10.90 -28.55 -1.23
CA LEU B 139 11.59 -29.65 -0.56
C LEU B 139 13.09 -29.59 -0.77
N MET B 140 13.52 -29.25 -1.99
CA MET B 140 14.94 -29.10 -2.29
C MET B 140 15.55 -28.03 -1.41
N LYS B 141 14.87 -26.89 -1.28
CA LYS B 141 15.38 -25.79 -0.46
C LYS B 141 15.45 -26.20 1.00
N VAL B 142 14.44 -26.93 1.49
CA VAL B 142 14.43 -27.34 2.88
C VAL B 142 15.56 -28.33 3.14
N ALA B 143 15.79 -29.26 2.21
CA ALA B 143 16.89 -30.21 2.36
C ALA B 143 18.23 -29.52 2.51
N ARG B 144 18.40 -28.38 1.83
CA ARG B 144 19.66 -27.65 1.91
C ARG B 144 19.74 -26.76 3.14
N ALA B 145 18.64 -26.08 3.49
CA ALA B 145 18.70 -25.00 4.46
C ALA B 145 18.08 -25.32 5.81
N HIS B 146 17.24 -26.33 5.90
CA HIS B 146 16.60 -26.64 7.18
C HIS B 146 16.30 -28.13 7.21
N PRO B 147 17.31 -29.00 7.12
CA PRO B 147 17.03 -30.43 6.90
C PRO B 147 16.26 -31.10 8.01
N LYS B 148 16.28 -30.56 9.23
CA LYS B 148 15.58 -31.18 10.35
C LYS B 148 14.21 -30.56 10.59
N ALA B 149 13.68 -29.81 9.63
CA ALA B 149 12.40 -29.17 9.81
C ALA B 149 11.27 -30.20 9.83
N LYS B 150 10.18 -29.85 10.50
CA LYS B 150 8.95 -30.65 10.50
C LYS B 150 8.00 -29.99 9.50
N LEU B 151 7.72 -30.67 8.40
CA LEU B 151 7.01 -30.05 7.29
C LEU B 151 5.52 -30.39 7.33
N VAL B 152 4.72 -29.39 7.00
CA VAL B 152 3.27 -29.52 6.92
C VAL B 152 2.88 -29.28 5.47
N LEU B 153 2.22 -30.27 4.87
CA LEU B 153 1.87 -30.19 3.47
C LEU B 153 0.60 -29.37 3.31
N ARG B 154 0.69 -28.26 2.58
CA ARG B 154 -0.49 -27.43 2.35
C ARG B 154 -1.21 -27.91 1.10
N ILE B 155 -2.49 -28.25 1.25
CA ILE B 155 -3.27 -28.82 0.17
C ILE B 155 -4.24 -27.78 -0.35
N ALA B 156 -4.66 -27.97 -1.60
CA ALA B 156 -5.59 -27.07 -2.25
C ALA B 156 -7.01 -27.26 -1.71
N THR B 157 -7.81 -26.21 -1.84
CA THR B 157 -9.22 -26.20 -1.44
C THR B 157 -10.03 -25.50 -2.52
N ASP B 158 -11.33 -25.74 -2.50
CA ASP B 158 -12.23 -25.08 -3.45
C ASP B 158 -12.62 -23.72 -2.87
N VAL B 168 -5.24 -20.64 -6.36
CA VAL B 168 -4.35 -20.67 -7.52
C VAL B 168 -2.90 -20.51 -7.05
N LYS B 169 -2.67 -19.67 -6.03
CA LYS B 169 -1.30 -19.40 -5.61
C LYS B 169 -0.72 -20.53 -4.78
N PHE B 170 -1.49 -21.09 -3.87
CA PHE B 170 -0.97 -22.10 -2.94
C PHE B 170 -1.87 -23.32 -2.88
N GLY B 171 -1.28 -24.45 -2.50
CA GLY B 171 -2.03 -25.67 -2.28
C GLY B 171 -1.77 -26.73 -3.31
N ALA B 172 -1.32 -27.90 -2.85
CA ALA B 172 -1.11 -29.04 -3.71
C ALA B 172 -2.42 -29.82 -3.91
N THR B 173 -2.60 -30.34 -5.12
CA THR B 173 -3.69 -31.29 -5.34
C THR B 173 -3.38 -32.60 -4.61
N LEU B 174 -4.38 -33.47 -4.52
CA LEU B 174 -4.13 -34.78 -3.92
C LEU B 174 -3.11 -35.55 -4.73
N ARG B 175 -3.21 -35.49 -6.06
CA ARG B 175 -2.25 -36.17 -6.93
C ARG B 175 -0.84 -35.68 -6.65
N THR B 176 -0.65 -34.36 -6.61
CA THR B 176 0.65 -33.80 -6.31
C THR B 176 1.09 -34.13 -4.90
N SER B 177 0.13 -34.18 -3.96
CA SER B 177 0.47 -34.48 -2.56
C SER B 177 1.14 -35.85 -2.45
N ARG B 178 0.65 -36.83 -3.21
CA ARG B 178 1.27 -38.15 -3.18
C ARG B 178 2.73 -38.09 -3.60
N LEU B 179 3.00 -37.39 -4.70
CA LEU B 179 4.36 -37.26 -5.21
C LEU B 179 5.25 -36.51 -4.24
N LEU B 180 4.71 -35.46 -3.61
CA LEU B 180 5.49 -34.68 -2.65
C LEU B 180 5.87 -35.52 -1.44
N LEU B 181 4.95 -36.35 -0.96
CA LEU B 181 5.26 -37.22 0.18
C LEU B 181 6.34 -38.22 -0.17
N GLU B 182 6.27 -38.81 -1.36
CA GLU B 182 7.31 -39.75 -1.77
C GLU B 182 8.65 -39.04 -1.92
N ARG B 183 8.63 -37.84 -2.51
CA ARG B 183 9.87 -37.08 -2.70
C ARG B 183 10.47 -36.68 -1.35
N ALA B 184 9.62 -36.26 -0.40
CA ALA B 184 10.13 -35.93 0.93
C ALA B 184 10.74 -37.16 1.60
N LYS B 185 10.15 -38.34 1.38
CA LYS B 185 10.75 -39.56 1.91
C LYS B 185 12.13 -39.80 1.31
N GLU B 186 12.27 -39.61 -0.01
CA GLU B 186 13.57 -39.80 -0.65
C GLU B 186 14.62 -38.89 -0.04
N LEU B 187 14.25 -37.66 0.29
CA LEU B 187 15.18 -36.66 0.81
C LEU B 187 15.36 -36.73 2.30
N ASN B 188 14.74 -37.72 2.97
CA ASN B 188 14.87 -37.89 4.42
C ASN B 188 14.38 -36.65 5.16
N ILE B 189 13.29 -36.05 4.67
CA ILE B 189 12.67 -34.89 5.29
C ILE B 189 11.38 -35.33 5.97
N ASP B 190 11.19 -34.92 7.21
CA ASP B 190 10.06 -35.36 8.01
C ASP B 190 8.83 -34.51 7.70
N VAL B 191 7.75 -35.17 7.27
CA VAL B 191 6.46 -34.54 7.03
C VAL B 191 5.54 -34.97 8.15
N VAL B 192 5.00 -34.01 8.90
CA VAL B 192 4.26 -34.30 10.12
C VAL B 192 2.78 -33.97 10.03
N GLY B 193 2.32 -33.35 8.95
CA GLY B 193 0.91 -33.00 8.93
C GLY B 193 0.49 -32.35 7.64
N VAL B 194 -0.70 -31.77 7.68
CA VAL B 194 -1.37 -31.20 6.53
C VAL B 194 -2.02 -29.90 6.96
N SER B 195 -1.99 -28.90 6.09
CA SER B 195 -2.69 -27.66 6.31
C SER B 195 -3.53 -27.30 5.09
N PHE B 196 -4.57 -26.53 5.31
CA PHE B 196 -5.38 -26.00 4.23
C PHE B 196 -5.90 -24.64 4.67
N HIS B 197 -6.30 -23.84 3.70
CA HIS B 197 -6.86 -22.51 3.98
C HIS B 197 -8.06 -22.28 3.07
N VAL B 198 -9.26 -22.28 3.66
CA VAL B 198 -10.46 -22.02 2.89
C VAL B 198 -10.54 -20.56 2.47
N GLY B 199 -10.17 -19.65 3.36
CA GLY B 199 -10.24 -18.25 3.02
C GLY B 199 -11.52 -17.61 3.54
N SER B 200 -11.47 -16.27 3.64
CA SER B 200 -12.57 -15.52 4.25
C SER B 200 -13.80 -15.50 3.38
N GLY B 201 -13.64 -15.36 2.07
CA GLY B 201 -14.79 -15.27 1.20
C GLY B 201 -15.61 -16.55 1.06
N CYS B 202 -15.44 -17.49 1.98
CA CYS B 202 -16.17 -18.75 1.92
C CYS B 202 -17.66 -18.51 2.12
N THR B 203 -18.46 -19.00 1.18
CA THR B 203 -19.91 -18.88 1.23
C THR B 203 -20.58 -20.13 1.79
N ASP B 204 -20.06 -21.31 1.46
CA ASP B 204 -20.65 -22.56 1.92
C ASP B 204 -19.72 -23.22 2.93
N PRO B 205 -20.19 -23.51 4.15
CA PRO B 205 -19.31 -24.15 5.13
C PRO B 205 -18.93 -25.56 4.75
N GLU B 206 -19.67 -26.19 3.84
CA GLU B 206 -19.34 -27.55 3.42
C GLU B 206 -17.95 -27.62 2.77
N THR B 207 -17.42 -26.49 2.30
CA THR B 207 -16.05 -26.47 1.78
C THR B 207 -15.07 -26.96 2.84
N PHE B 208 -15.29 -26.58 4.11
CA PHE B 208 -14.45 -27.08 5.19
C PHE B 208 -14.51 -28.59 5.30
N VAL B 209 -15.70 -29.19 5.17
CA VAL B 209 -15.84 -30.64 5.25
C VAL B 209 -14.97 -31.31 4.18
N GLN B 210 -15.08 -30.83 2.93
CA GLN B 210 -14.27 -31.41 1.86
C GLN B 210 -12.78 -31.25 2.14
N ALA B 211 -12.38 -30.07 2.64
CA ALA B 211 -10.97 -29.84 2.95
C ALA B 211 -10.49 -30.81 4.03
N ILE B 212 -11.31 -31.02 5.06
CA ILE B 212 -10.95 -31.95 6.13
C ILE B 212 -10.88 -33.37 5.57
N SER B 213 -11.82 -33.72 4.68
CA SER B 213 -11.75 -35.04 4.04
C SER B 213 -10.48 -35.18 3.20
N ASP B 214 -10.14 -34.13 2.43
CA ASP B 214 -8.91 -34.18 1.65
C ASP B 214 -7.70 -34.34 2.55
N ALA B 215 -7.68 -33.62 3.68
CA ALA B 215 -6.56 -33.73 4.61
C ALA B 215 -6.44 -35.15 5.15
N ARG B 216 -7.58 -35.77 5.48
CA ARG B 216 -7.56 -37.15 5.93
C ARG B 216 -6.93 -38.05 4.89
N CYS B 217 -7.28 -37.83 3.62
CA CYS B 217 -6.68 -38.61 2.55
C CYS B 217 -5.16 -38.43 2.52
N VAL B 218 -4.69 -37.19 2.66
CA VAL B 218 -3.24 -36.95 2.62
C VAL B 218 -2.57 -37.57 3.84
N PHE B 219 -3.24 -37.53 4.99
CA PHE B 219 -2.73 -38.22 6.17
C PHE B 219 -2.53 -39.70 5.87
N ASP B 220 -3.54 -40.34 5.25
CA ASP B 220 -3.44 -41.74 4.91
C ASP B 220 -2.31 -42.00 3.92
N MET B 221 -2.14 -41.10 2.94
CA MET B 221 -1.01 -41.19 2.01
C MET B 221 0.30 -41.16 2.77
N GLY B 222 0.42 -40.28 3.75
CA GLY B 222 1.65 -40.22 4.52
C GLY B 222 1.91 -41.50 5.28
N ALA B 223 0.84 -42.09 5.85
CA ALA B 223 0.98 -43.36 6.55
C ALA B 223 1.50 -44.44 5.62
N GLU B 224 1.06 -44.42 4.36
CA GLU B 224 1.50 -45.42 3.40
C GLU B 224 3.00 -45.35 3.16
N VAL B 225 3.56 -44.14 3.12
CA VAL B 225 4.99 -44.00 2.81
C VAL B 225 5.84 -44.04 4.07
N GLY B 226 5.23 -44.19 5.24
CA GLY B 226 5.97 -44.33 6.48
C GLY B 226 6.05 -43.12 7.38
N PHE B 227 5.33 -42.03 7.06
CA PHE B 227 5.33 -40.86 7.93
C PHE B 227 4.37 -41.04 9.11
N SER B 228 4.71 -40.42 10.23
CA SER B 228 3.80 -40.36 11.38
C SER B 228 3.15 -38.98 11.35
N MET B 229 1.95 -38.92 10.80
CA MET B 229 1.24 -37.66 10.60
C MET B 229 0.37 -37.39 11.82
N TYR B 230 0.60 -36.26 12.47
CA TYR B 230 -0.20 -35.89 13.63
C TYR B 230 -0.78 -34.49 13.60
N LEU B 231 -0.27 -33.58 12.77
CA LEU B 231 -0.66 -32.18 12.84
C LEU B 231 -1.65 -31.81 11.74
N LEU B 232 -2.84 -31.37 12.13
CA LEU B 232 -3.86 -30.91 11.21
C LEU B 232 -4.05 -29.41 11.42
N ASP B 233 -3.84 -28.64 10.36
CA ASP B 233 -3.93 -27.18 10.39
C ASP B 233 -5.10 -26.77 9.49
N ILE B 234 -6.18 -26.26 10.08
CA ILE B 234 -7.38 -25.96 9.29
C ILE B 234 -7.43 -24.51 8.80
N GLY B 235 -6.33 -23.79 8.96
CA GLY B 235 -6.17 -22.45 8.39
C GLY B 235 -7.06 -21.38 9.01
N GLY B 236 -7.36 -20.35 8.22
CA GLY B 236 -8.12 -19.22 8.70
C GLY B 236 -9.35 -18.94 7.85
N GLY B 237 -9.68 -17.66 7.76
CA GLY B 237 -10.86 -17.21 7.03
C GLY B 237 -12.09 -17.03 7.88
N PHE B 238 -12.05 -17.33 9.16
CA PHE B 238 -13.21 -17.18 10.02
C PHE B 238 -13.57 -15.69 10.15
N PRO B 239 -14.85 -15.34 10.15
CA PRO B 239 -15.25 -13.94 10.19
C PRO B 239 -14.86 -13.26 11.51
N GLY B 240 -14.50 -11.99 11.40
CA GLY B 240 -14.10 -11.21 12.56
C GLY B 240 -15.17 -10.30 13.10
N SER B 241 -16.37 -10.32 12.51
CA SER B 241 -17.47 -9.50 12.99
C SER B 241 -18.77 -10.25 12.76
N GLU B 242 -19.82 -9.74 13.38
CA GLU B 242 -21.16 -10.27 13.15
C GLU B 242 -21.78 -9.76 11.87
N ASP B 243 -21.13 -8.80 11.21
CA ASP B 243 -21.66 -8.17 9.99
C ASP B 243 -21.28 -8.99 8.76
N VAL B 244 -21.66 -10.27 8.81
CA VAL B 244 -21.39 -11.21 7.73
C VAL B 244 -22.59 -12.13 7.60
N LYS B 245 -22.79 -12.66 6.41
CA LYS B 245 -23.89 -13.61 6.21
C LYS B 245 -23.62 -14.93 6.93
N LEU B 246 -22.41 -15.46 6.81
CA LEU B 246 -22.06 -16.75 7.39
C LEU B 246 -21.26 -16.51 8.67
N LYS B 247 -21.90 -16.73 9.81
CA LYS B 247 -21.31 -16.38 11.09
C LYS B 247 -20.39 -17.47 11.62
N PHE B 248 -19.51 -17.07 12.54
CA PHE B 248 -18.51 -17.96 13.10
C PHE B 248 -19.11 -19.26 13.62
N GLU B 249 -20.16 -19.17 14.44
CA GLU B 249 -20.72 -20.36 15.07
C GLU B 249 -21.37 -21.31 14.06
N GLU B 250 -21.93 -20.80 12.97
CA GLU B 250 -22.40 -21.70 11.92
C GLU B 250 -21.24 -22.48 11.32
N ILE B 251 -20.12 -21.80 11.06
CA ILE B 251 -18.95 -22.48 10.50
C ILE B 251 -18.44 -23.54 11.45
N THR B 252 -18.28 -23.19 12.72
CA THR B 252 -17.76 -24.16 13.68
C THR B 252 -18.72 -25.31 13.90
N GLY B 253 -20.03 -25.05 13.80
CA GLY B 253 -21.01 -26.11 13.88
C GLY B 253 -20.83 -27.15 12.77
N VAL B 254 -20.28 -26.74 11.64
CA VAL B 254 -20.01 -27.70 10.57
C VAL B 254 -18.60 -28.28 10.68
N ILE B 255 -17.67 -27.58 11.32
CA ILE B 255 -16.30 -28.05 11.42
C ILE B 255 -16.17 -29.13 12.49
N ASN B 256 -16.78 -28.93 13.64
CA ASN B 256 -16.56 -29.87 14.74
C ASN B 256 -17.03 -31.29 14.43
N PRO B 257 -18.22 -31.52 13.85
CA PRO B 257 -18.57 -32.90 13.49
C PRO B 257 -17.60 -33.51 12.48
N ALA B 258 -17.15 -32.73 11.50
CA ALA B 258 -16.17 -33.23 10.54
C ALA B 258 -14.86 -33.59 11.23
N LEU B 259 -14.38 -32.76 12.15
CA LEU B 259 -13.17 -33.11 12.89
C LEU B 259 -13.35 -34.40 13.66
N ASP B 260 -14.50 -34.58 14.32
CA ASP B 260 -14.74 -35.82 15.05
C ASP B 260 -14.80 -37.02 14.11
N LYS B 261 -15.36 -36.84 12.92
CA LYS B 261 -15.51 -37.96 11.99
C LYS B 261 -14.16 -38.34 11.36
N TYR B 262 -13.42 -37.36 10.85
CA TYR B 262 -12.20 -37.69 10.12
C TYR B 262 -10.96 -37.71 11.01
N PHE B 263 -10.93 -36.97 12.11
CA PHE B 263 -9.77 -36.91 12.99
C PHE B 263 -10.20 -37.08 14.44
N PRO B 264 -10.60 -38.29 14.83
CA PRO B 264 -11.01 -38.50 16.22
C PRO B 264 -9.84 -38.28 17.16
N SER B 265 -10.16 -37.85 18.40
CA SER B 265 -9.11 -37.51 19.36
C SER B 265 -8.24 -38.72 19.71
N ASP B 266 -8.81 -39.92 19.73
CA ASP B 266 -8.03 -41.10 20.09
C ASP B 266 -6.90 -41.37 19.10
N SER B 267 -7.00 -40.88 17.87
CA SER B 267 -5.92 -41.07 16.89
C SER B 267 -4.62 -40.39 17.30
N GLY B 268 -4.67 -39.39 18.19
CA GLY B 268 -3.47 -38.67 18.55
C GLY B 268 -3.22 -37.43 17.73
N VAL B 269 -4.17 -37.03 16.88
CA VAL B 269 -4.00 -35.85 16.05
C VAL B 269 -3.94 -34.61 16.94
N ARG B 270 -3.17 -33.64 16.51
CA ARG B 270 -3.15 -32.31 17.12
C ARG B 270 -3.69 -31.34 16.09
N ILE B 271 -4.78 -30.65 16.43
CA ILE B 271 -5.47 -29.78 15.49
C ILE B 271 -5.18 -28.33 15.87
N ILE B 272 -4.77 -27.54 14.87
CA ILE B 272 -4.53 -26.12 15.05
C ILE B 272 -5.25 -25.39 13.93
N ALA B 273 -5.39 -24.08 14.10
CA ALA B 273 -5.94 -23.21 13.07
C ALA B 273 -5.09 -21.95 13.01
N GLU B 274 -5.28 -21.18 11.96
CA GLU B 274 -4.52 -19.96 11.71
C GLU B 274 -5.45 -18.76 11.54
N PRO B 275 -6.26 -18.42 12.54
CA PRO B 275 -7.18 -17.30 12.37
C PRO B 275 -6.42 -15.98 12.41
N GLY B 276 -6.67 -15.12 11.43
CA GLY B 276 -6.19 -13.76 11.61
C GLY B 276 -7.29 -12.75 11.88
N ARG B 277 -8.19 -12.58 10.91
CA ARG B 277 -9.22 -11.53 11.04
C ARG B 277 -10.19 -11.84 12.17
N TYR B 278 -10.38 -13.12 12.50
CA TYR B 278 -11.31 -13.47 13.56
C TYR B 278 -10.95 -12.80 14.88
N TYR B 279 -9.66 -12.71 15.16
CA TYR B 279 -9.25 -12.16 16.45
C TYR B 279 -9.35 -10.64 16.53
N VAL B 280 -9.17 -9.93 15.42
CA VAL B 280 -8.85 -8.50 15.49
C VAL B 280 -9.83 -7.61 14.74
N ALA B 281 -10.67 -8.14 13.84
CA ALA B 281 -11.45 -7.29 12.95
C ALA B 281 -12.28 -6.27 13.72
N SER B 282 -13.11 -6.74 14.67
CA SER B 282 -14.03 -5.88 15.40
C SER B 282 -13.38 -5.10 16.54
N ALA B 283 -12.12 -5.38 16.89
CA ALA B 283 -11.47 -4.67 17.99
C ALA B 283 -11.08 -3.25 17.65
N PHE B 284 -10.93 -2.91 16.37
CA PHE B 284 -10.46 -1.60 15.93
C PHE B 284 -11.61 -0.81 15.31
N THR B 285 -11.82 0.40 15.82
CA THR B 285 -12.73 1.34 15.20
C THR B 285 -11.92 2.55 14.75
N LEU B 286 -12.16 2.99 13.52
CA LEU B 286 -11.42 4.09 12.93
C LEU B 286 -12.28 5.34 12.92
N ALA B 287 -11.71 6.45 13.35
CA ALA B 287 -12.35 7.77 13.28
C ALA B 287 -11.53 8.62 12.32
N VAL B 288 -12.18 9.12 11.28
CA VAL B 288 -11.54 10.02 10.33
C VAL B 288 -12.27 11.35 10.38
N ASN B 289 -11.55 12.42 10.09
CA ASN B 289 -12.13 13.74 10.10
C ASN B 289 -12.38 14.20 8.67
N ILE B 290 -13.50 14.88 8.45
CA ILE B 290 -13.79 15.49 7.16
C ILE B 290 -12.91 16.73 7.02
N ILE B 291 -11.94 16.68 6.12
CA ILE B 291 -11.00 17.78 5.98
C ILE B 291 -11.34 18.73 4.84
N ALA B 292 -12.18 18.31 3.89
CA ALA B 292 -12.58 19.18 2.80
C ALA B 292 -13.94 18.73 2.31
N LYS B 293 -14.60 19.61 1.57
CA LYS B 293 -16.00 19.40 1.23
C LYS B 293 -16.34 20.11 -0.06
N LYS B 294 -17.10 19.44 -0.92
CA LYS B 294 -17.59 20.04 -2.15
C LYS B 294 -19.07 19.75 -2.29
N ILE B 295 -19.80 20.71 -2.87
CA ILE B 295 -21.21 20.55 -3.19
C ILE B 295 -21.33 20.54 -4.71
N VAL B 296 -22.02 19.54 -5.24
CA VAL B 296 -22.22 19.39 -6.67
C VAL B 296 -23.72 19.42 -6.93
N LEU B 297 -24.17 20.40 -7.70
CA LEU B 297 -25.60 20.55 -7.97
C LEU B 297 -26.08 19.51 -8.98
N GLU B 311 -30.63 16.23 -6.48
CA GLU B 311 -30.28 17.58 -6.92
C GLU B 311 -28.97 18.04 -6.30
N GLN B 312 -28.95 18.14 -4.98
CA GLN B 312 -27.75 18.52 -4.24
C GLN B 312 -26.99 17.26 -3.82
N THR B 313 -25.72 17.15 -4.21
CA THR B 313 -24.87 16.05 -3.79
C THR B 313 -23.57 16.60 -3.21
N PHE B 314 -22.90 15.78 -2.40
CA PHE B 314 -21.73 16.23 -1.66
C PHE B 314 -20.55 15.31 -1.87
N MET B 315 -19.35 15.89 -1.86
CA MET B 315 -18.10 15.15 -1.87
C MET B 315 -17.34 15.49 -0.61
N TYR B 316 -17.06 14.49 0.20
CA TYR B 316 -16.33 14.68 1.46
C TYR B 316 -14.94 14.08 1.32
N TYR B 317 -13.95 14.81 1.81
CA TYR B 317 -12.57 14.35 1.83
C TYR B 317 -12.19 14.11 3.28
N VAL B 318 -11.68 12.92 3.58
CA VAL B 318 -11.30 12.56 4.95
C VAL B 318 -9.80 12.30 4.98
N ASN B 319 -9.24 12.23 6.18
CA ASN B 319 -7.78 12.18 6.32
C ASN B 319 -7.25 10.76 6.54
N ASP B 320 -7.90 9.78 5.94
CA ASP B 320 -7.38 8.43 5.76
C ASP B 320 -7.95 7.95 4.43
N GLY B 321 -7.19 7.14 3.72
CA GLY B 321 -7.62 6.76 2.39
C GLY B 321 -7.13 5.41 1.91
N VAL B 322 -7.24 5.17 0.59
CA VAL B 322 -6.90 3.87 0.01
C VAL B 322 -5.42 3.54 0.15
N TYR B 323 -4.56 4.54 0.23
CA TYR B 323 -3.15 4.27 0.51
C TYR B 323 -2.90 4.00 1.98
N GLY B 324 -3.82 4.39 2.84
CA GLY B 324 -3.71 4.10 4.26
C GLY B 324 -4.59 2.92 4.67
N SER B 325 -5.45 3.16 5.66
CA SER B 325 -6.26 2.09 6.24
C SER B 325 -7.21 1.48 5.22
N PHE B 326 -7.64 2.25 4.24
CA PHE B 326 -8.62 1.75 3.29
C PHE B 326 -7.99 1.04 2.11
N ASN B 327 -6.70 0.69 2.20
CA ASN B 327 -6.14 -0.21 1.20
C ASN B 327 -6.89 -1.53 1.17
N CYS B 328 -7.58 -1.88 2.27
CA CYS B 328 -8.39 -3.09 2.33
C CYS B 328 -9.47 -3.12 1.25
N ILE B 329 -9.88 -1.96 0.73
CA ILE B 329 -10.85 -1.94 -0.36
C ILE B 329 -10.32 -2.65 -1.59
N LEU B 330 -9.04 -2.45 -1.90
CA LEU B 330 -8.43 -3.07 -3.07
C LEU B 330 -7.79 -4.41 -2.74
N TYR B 331 -7.01 -4.47 -1.67
CA TYR B 331 -6.30 -5.69 -1.32
C TYR B 331 -7.20 -6.76 -0.68
N ASP B 332 -8.16 -6.37 0.17
CA ASP B 332 -8.94 -7.33 0.93
C ASP B 332 -10.42 -7.41 0.52
N HIS B 333 -10.81 -6.82 -0.63
CA HIS B 333 -12.22 -6.82 -1.08
C HIS B 333 -13.16 -6.28 -0.01
N ALA B 334 -12.73 -5.24 0.69
CA ALA B 334 -13.51 -4.76 1.82
C ALA B 334 -14.66 -3.89 1.34
N HIS B 335 -15.78 -3.98 2.05
CA HIS B 335 -16.91 -3.10 1.87
C HIS B 335 -17.05 -2.29 3.15
N VAL B 336 -16.89 -0.97 3.03
CA VAL B 336 -16.78 -0.11 4.20
C VAL B 336 -18.08 0.67 4.35
N LYS B 337 -18.54 0.80 5.59
CA LYS B 337 -19.77 1.51 5.91
C LYS B 337 -19.48 2.72 6.79
N PRO B 338 -19.60 3.94 6.29
CA PRO B 338 -19.39 5.10 7.17
C PRO B 338 -20.52 5.26 8.15
N LEU B 339 -20.17 5.63 9.37
CA LEU B 339 -21.11 5.80 10.46
C LEU B 339 -20.95 7.19 11.05
N LEU B 340 -22.06 7.77 11.46
CA LEU B 340 -22.03 9.05 12.13
C LEU B 340 -21.80 8.84 13.62
N GLN B 341 -21.25 9.87 14.26
CA GLN B 341 -21.05 9.81 15.70
C GLN B 341 -22.39 9.72 16.42
N LYS B 342 -23.39 10.48 15.97
CA LYS B 342 -24.72 10.49 16.54
C LYS B 342 -25.72 10.01 15.50
N ARG B 343 -26.62 9.13 15.92
CA ARG B 343 -27.65 8.60 15.03
C ARG B 343 -28.54 9.75 14.50
N PRO B 344 -28.66 9.92 13.18
CA PRO B 344 -29.51 11.00 12.63
C PRO B 344 -30.97 10.81 12.97
N LYS B 345 -31.70 11.92 13.05
CA LYS B 345 -33.14 11.85 13.30
C LYS B 345 -33.83 11.20 12.11
N PRO B 346 -34.97 10.55 12.32
CA PRO B 346 -35.64 9.84 11.21
C PRO B 346 -36.03 10.73 10.03
N ASP B 347 -36.33 12.01 10.26
CA ASP B 347 -36.70 12.90 9.17
C ASP B 347 -35.57 13.81 8.71
N GLU B 348 -34.35 13.57 9.17
CA GLU B 348 -33.21 14.33 8.66
C GLU B 348 -33.04 14.11 7.16
N LYS B 349 -32.66 15.16 6.45
CA LYS B 349 -32.49 15.09 5.01
C LYS B 349 -31.16 14.43 4.66
N TYR B 350 -31.21 13.40 3.81
CA TYR B 350 -30.04 12.68 3.36
C TYR B 350 -29.70 13.07 1.93
N TYR B 351 -28.40 13.12 1.61
CA TYR B 351 -27.96 13.47 0.27
C TYR B 351 -27.03 12.39 -0.27
N SER B 352 -27.07 12.21 -1.58
CA SER B 352 -26.13 11.32 -2.23
C SER B 352 -24.73 11.89 -2.03
N SER B 353 -23.81 11.06 -1.58
CA SER B 353 -22.51 11.59 -1.20
C SER B 353 -21.41 10.61 -1.59
N SER B 354 -20.21 11.15 -1.76
CA SER B 354 -19.02 10.37 -2.06
C SER B 354 -17.98 10.74 -1.01
N ILE B 355 -17.12 9.79 -0.67
CA ILE B 355 -16.09 10.00 0.34
C ILE B 355 -14.73 9.68 -0.26
N TRP B 356 -13.77 10.58 -0.07
CA TRP B 356 -12.47 10.53 -0.71
C TRP B 356 -11.34 10.59 0.30
N GLY B 357 -10.20 9.98 -0.07
CA GLY B 357 -9.02 10.00 0.76
C GLY B 357 -8.26 11.30 0.59
N PRO B 358 -7.24 11.50 1.45
CA PRO B 358 -6.48 12.75 1.44
C PRO B 358 -5.46 12.91 0.31
N THR B 359 -5.00 11.83 -0.31
CA THR B 359 -3.91 11.95 -1.28
C THR B 359 -4.38 12.63 -2.57
N CYS B 360 -3.41 13.13 -3.33
CA CYS B 360 -3.71 13.79 -4.58
C CYS B 360 -4.06 12.82 -5.71
N ASP B 361 -4.06 11.52 -5.44
CA ASP B 361 -4.42 10.54 -6.45
C ASP B 361 -5.92 10.57 -6.72
N GLY B 362 -6.29 10.64 -8.01
CA GLY B 362 -7.69 10.62 -8.39
C GLY B 362 -8.41 9.35 -8.01
N LEU B 363 -7.67 8.25 -7.86
CA LEU B 363 -8.25 6.96 -7.50
C LEU B 363 -8.47 6.82 -5.99
N ASP B 364 -8.00 7.77 -5.19
CA ASP B 364 -8.09 7.66 -3.73
C ASP B 364 -9.51 8.03 -3.31
N ARG B 365 -10.42 7.09 -3.54
CA ARG B 365 -11.84 7.21 -3.23
C ARG B 365 -12.25 6.06 -2.31
N ILE B 366 -12.82 6.39 -1.17
CA ILE B 366 -13.27 5.38 -0.20
C ILE B 366 -14.69 4.89 -0.50
N VAL B 367 -15.62 5.81 -0.77
CA VAL B 367 -17.03 5.45 -0.97
C VAL B 367 -17.50 6.16 -2.23
N GLU B 368 -17.93 5.38 -3.22
CA GLU B 368 -18.38 5.98 -4.47
C GLU B 368 -19.69 6.73 -4.28
N ARG B 369 -20.65 6.10 -3.62
CA ARG B 369 -21.95 6.73 -3.38
C ARG B 369 -22.57 6.13 -2.13
N CYS B 370 -23.07 7.00 -1.26
CA CYS B 370 -23.82 6.59 -0.09
C CYS B 370 -24.72 7.75 0.27
N ASP B 371 -25.67 7.50 1.17
CA ASP B 371 -26.59 8.54 1.62
C ASP B 371 -26.15 9.03 2.99
N LEU B 372 -25.93 10.33 3.10
CA LEU B 372 -25.53 10.94 4.35
C LEU B 372 -26.27 12.26 4.54
N PRO B 373 -26.53 12.66 5.78
CA PRO B 373 -26.95 14.04 6.02
C PRO B 373 -25.81 14.97 5.62
N GLU B 374 -26.14 16.25 5.44
CA GLU B 374 -25.09 17.19 5.12
C GLU B 374 -24.11 17.28 6.29
N MET B 375 -22.84 17.03 6.01
CA MET B 375 -21.81 17.10 7.02
C MET B 375 -20.87 18.26 6.71
N HIS B 376 -20.02 18.60 7.67
CA HIS B 376 -19.16 19.76 7.53
C HIS B 376 -17.72 19.42 7.90
N VAL B 377 -16.81 20.25 7.38
CA VAL B 377 -15.40 20.10 7.72
C VAL B 377 -15.26 20.16 9.23
N GLY B 378 -14.47 19.22 9.78
CA GLY B 378 -14.32 19.08 11.21
C GLY B 378 -15.20 18.02 11.83
N ASP B 379 -16.24 17.58 11.13
CA ASP B 379 -17.05 16.46 11.60
C ASP B 379 -16.29 15.16 11.46
N TRP B 380 -16.67 14.17 12.25
CA TRP B 380 -16.00 12.87 12.25
C TRP B 380 -16.89 11.81 11.62
N MET B 381 -16.25 10.86 10.94
CA MET B 381 -16.89 9.69 10.38
C MET B 381 -16.25 8.47 11.03
N LEU B 382 -17.06 7.47 11.37
CA LEU B 382 -16.56 6.30 12.08
C LEU B 382 -16.67 5.08 11.19
N PHE B 383 -15.66 4.22 11.27
CA PHE B 383 -15.64 2.96 10.55
C PHE B 383 -15.35 1.83 11.53
N GLU B 384 -16.34 0.95 11.72
CA GLU B 384 -16.20 -0.19 12.60
C GLU B 384 -15.54 -1.36 11.87
N ASN B 385 -15.09 -2.33 12.66
CA ASN B 385 -14.50 -3.58 12.15
C ASN B 385 -13.34 -3.31 11.20
N MET B 386 -12.45 -2.39 11.62
CA MET B 386 -11.30 -1.99 10.83
C MET B 386 -9.98 -2.56 11.34
N GLY B 387 -10.02 -3.66 12.11
CA GLY B 387 -8.79 -4.24 12.65
C GLY B 387 -7.97 -5.05 11.68
N ALA B 388 -8.60 -5.70 10.72
CA ALA B 388 -7.96 -6.73 9.90
C ALA B 388 -7.57 -6.20 8.52
N TYR B 389 -6.30 -6.40 8.16
CA TYR B 389 -5.79 -6.07 6.83
C TYR B 389 -6.04 -4.60 6.49
N THR B 390 -5.91 -3.74 7.50
CA THR B 390 -6.02 -2.31 7.28
C THR B 390 -4.70 -1.61 7.55
N VAL B 391 -4.29 -1.51 8.83
CA VAL B 391 -3.04 -0.83 9.13
C VAL B 391 -1.86 -1.67 8.68
N ALA B 392 -2.01 -2.99 8.70
CA ALA B 392 -0.92 -3.87 8.34
C ALA B 392 -0.40 -3.62 6.93
N ALA B 393 -1.21 -3.04 6.05
CA ALA B 393 -0.80 -2.83 4.67
C ALA B 393 -0.82 -1.37 4.28
N ALA B 394 -0.88 -0.47 5.25
CA ALA B 394 -0.90 0.95 4.94
C ALA B 394 0.51 1.41 4.59
N SER B 395 0.57 2.45 3.76
CA SER B 395 1.81 3.08 3.37
C SER B 395 1.74 4.55 3.75
N THR B 396 2.86 5.23 3.62
CA THR B 396 2.92 6.67 3.82
C THR B 396 2.96 7.43 2.50
N PHE B 397 2.27 6.91 1.49
CA PHE B 397 2.22 7.58 0.20
C PHE B 397 1.75 9.02 0.35
N ASN B 398 2.43 9.93 -0.35
CA ASN B 398 2.11 11.35 -0.38
C ASN B 398 2.48 12.03 0.93
N GLY B 399 3.19 11.33 1.82
CA GLY B 399 3.61 11.88 3.09
C GLY B 399 2.58 11.83 4.20
N PHE B 400 1.43 11.20 3.98
CA PHE B 400 0.43 11.14 5.04
C PHE B 400 0.76 10.01 6.01
N GLN B 401 0.80 10.35 7.29
CA GLN B 401 1.20 9.45 8.34
C GLN B 401 0.08 8.51 8.77
N ARG B 402 0.49 7.32 9.25
CA ARG B 402 -0.46 6.31 9.70
C ARG B 402 -1.22 6.80 10.93
N PRO B 403 -2.53 6.55 11.01
CA PRO B 403 -3.32 7.05 12.16
C PRO B 403 -2.82 6.50 13.49
N THR B 404 -2.90 7.36 14.52
CA THR B 404 -2.58 6.95 15.88
C THR B 404 -3.55 5.87 16.36
N ILE B 405 -3.03 4.87 17.06
CA ILE B 405 -3.83 3.80 17.64
C ILE B 405 -3.83 3.95 19.15
N TYR B 406 -5.01 4.05 19.74
CA TYR B 406 -5.15 4.09 21.18
C TYR B 406 -5.66 2.74 21.66
N TYR B 407 -4.86 2.04 22.46
CA TYR B 407 -5.22 0.72 22.96
C TYR B 407 -5.91 0.88 24.31
N VAL B 408 -7.05 0.24 24.47
CA VAL B 408 -7.78 0.26 25.72
C VAL B 408 -8.04 -1.16 26.20
N MET B 409 -8.18 -1.30 27.51
CA MET B 409 -8.50 -2.60 28.10
C MET B 409 -9.16 -2.35 29.45
N SER B 410 -10.27 -3.02 29.71
CA SER B 410 -10.91 -2.84 31.00
C SER B 410 -10.19 -3.68 32.05
N GLY B 411 -10.50 -3.41 33.30
CA GLY B 411 -9.97 -4.21 34.38
C GLY B 411 -10.42 -5.66 34.29
N PRO B 412 -11.73 -5.90 34.09
CA PRO B 412 -12.18 -7.30 33.92
C PRO B 412 -11.53 -8.00 32.74
N ALA B 413 -11.30 -7.29 31.63
CA ALA B 413 -10.58 -7.90 30.51
C ALA B 413 -9.17 -8.30 30.92
N TRP B 414 -8.50 -7.44 31.70
CA TRP B 414 -7.18 -7.81 32.19
C TRP B 414 -7.26 -9.04 33.09
N GLN B 415 -8.31 -9.12 33.91
CA GLN B 415 -8.51 -10.29 34.77
C GLN B 415 -8.70 -11.54 33.93
N LEU B 416 -9.46 -11.44 32.85
CA LEU B 416 -9.64 -12.58 31.94
C LEU B 416 -8.32 -12.99 31.31
N MET B 417 -7.50 -12.02 30.91
CA MET B 417 -6.18 -12.34 30.37
C MET B 417 -5.34 -13.10 31.40
N GLN B 418 -5.44 -12.72 32.67
CA GLN B 418 -4.69 -13.40 33.73
C GLN B 418 -5.11 -14.86 33.81
N GLN B 419 -6.42 -15.12 33.74
CA GLN B 419 -6.90 -16.50 33.78
C GLN B 419 -6.39 -17.31 32.60
N PHE B 420 -6.37 -16.70 31.41
CA PHE B 420 -5.83 -17.40 30.24
C PHE B 420 -4.36 -17.71 30.45
N GLN B 421 -3.61 -16.74 30.98
CA GLN B 421 -2.17 -16.90 31.17
C GLN B 421 -1.86 -17.96 32.22
N ASN B 422 -2.69 -18.06 33.27
CA ASN B 422 -2.45 -19.04 34.32
C ASN B 422 -3.38 -20.24 34.19
#